data_4RAE
#
_entry.id   4RAE
#
_cell.length_a   159.937
_cell.length_b   159.937
_cell.length_c   110.317
_cell.angle_alpha   90.00
_cell.angle_beta   90.00
_cell.angle_gamma   120.00
#
_symmetry.space_group_name_H-M   'P 32 2 1'
#
_entity_poly.entity_id   1
_entity_poly.type   'polypeptide(L)'
_entity_poly.pdbx_seq_one_letter_code
;MMTRSGHPVTLDDLPLRADLRGKAPYGAPQLAVPVRLNTNENPHPPTRALVDDVVRSVREAAIDLHRYPDRDAVALRADL
AGYLTAQTGIQLGVENIWAANGSNEILQQLLQAFGGPGRSAIGFVPSYSMHPIISDGTHTEWIEASRANDFGLDVDVAVA
AVVDRKPDVVFIASPNNPSGQSVSLPDLCKLLDVAPGIAIVDEAYGEFSSQPSAVSLVEEYPSKLVVTRTMSKAFAFAGG
RLGYLIATPAVIDAMLLVRLPYHLSSVTQAAARAALRHSDDTLSSVAALIAERERVTTSLNDMGFRVIPSDANFVLFGEF
ADAPAAWRRYLEAGILIRDVGIPGYLRATTGLAEENDAFLRASARIATDLVPVTRSPVGAPKLAAALEHHHHHH
;
_entity_poly.pdbx_strand_id   A,B
#
# COMPACT_ATOMS: atom_id res chain seq x y z
N HIS A 7 -30.47 3.62 6.04
CA HIS A 7 -30.80 5.07 6.25
C HIS A 7 -31.67 5.34 7.50
N PRO A 8 -32.43 4.33 7.98
CA PRO A 8 -33.04 4.56 9.30
C PRO A 8 -31.91 4.52 10.33
N VAL A 9 -30.76 3.99 9.91
CA VAL A 9 -29.54 3.83 10.71
C VAL A 9 -28.59 4.98 10.47
N THR A 10 -28.12 5.59 11.55
CA THR A 10 -27.17 6.71 11.47
C THR A 10 -26.07 6.59 12.50
N LEU A 11 -25.18 7.57 12.50
CA LEU A 11 -23.91 7.48 13.23
C LEU A 11 -24.04 7.06 14.68
N ASP A 12 -25.21 7.28 15.27
CA ASP A 12 -25.43 6.95 16.68
C ASP A 12 -25.53 5.44 16.89
N ASP A 13 -25.87 4.73 15.82
CA ASP A 13 -26.06 3.29 15.86
C ASP A 13 -24.73 2.58 15.73
N LEU A 14 -23.83 3.15 14.93
CA LEU A 14 -22.52 2.57 14.69
C LEU A 14 -21.61 2.69 15.90
N PRO A 15 -20.90 1.60 16.23
CA PRO A 15 -20.04 1.64 17.41
C PRO A 15 -18.73 2.39 17.17
N LEU A 16 -18.81 3.66 16.84
CA LEU A 16 -17.61 4.53 16.77
C LEU A 16 -16.96 4.54 18.12
N ARG A 17 -15.67 4.84 18.17
CA ARG A 17 -15.03 5.02 19.46
C ARG A 17 -15.50 6.35 20.05
N ALA A 18 -15.97 6.30 21.30
CA ALA A 18 -16.47 7.48 21.99
C ALA A 18 -15.49 8.62 21.70
N ASP A 19 -14.22 8.30 21.90
CA ASP A 19 -13.08 9.14 21.55
C ASP A 19 -13.36 10.19 20.49
N LEU A 20 -13.89 9.81 19.34
CA LEU A 20 -14.15 10.81 18.31
C LEU A 20 -15.62 11.04 18.04
N ARG A 21 -16.46 10.25 18.69
CA ARG A 21 -17.91 10.47 18.66
C ARG A 21 -18.28 11.97 18.55
N GLY A 22 -17.77 12.81 19.44
CA GLY A 22 -18.07 14.25 19.45
C GLY A 22 -17.12 15.15 18.67
N LYS A 23 -17.49 16.44 18.58
CA LYS A 23 -16.71 17.49 17.89
C LYS A 23 -16.61 17.33 16.36
N ALA A 24 -17.29 16.32 15.84
CA ALA A 24 -17.28 15.98 14.43
C ALA A 24 -18.71 15.77 13.90
N PRO A 25 -18.90 15.74 12.56
CA PRO A 25 -17.88 15.74 11.49
C PRO A 25 -17.28 17.10 11.11
N TYR A 26 -16.64 17.13 9.94
CA TYR A 26 -16.09 18.35 9.35
C TYR A 26 -16.34 18.38 7.85
N GLY A 27 -17.61 18.39 7.45
CA GLY A 27 -18.01 18.37 6.04
C GLY A 27 -17.01 19.04 5.14
N ALA A 28 -16.62 18.39 4.04
CA ALA A 28 -15.58 18.92 3.16
C ALA A 28 -15.97 20.25 2.52
N PRO A 29 -17.28 20.52 2.40
CA PRO A 29 -17.68 21.88 1.99
C PRO A 29 -17.19 22.99 2.95
N GLN A 30 -16.90 22.62 4.21
CA GLN A 30 -16.33 23.54 5.21
C GLN A 30 -14.81 23.60 5.07
N LEU A 31 -14.24 22.61 4.42
CA LEU A 31 -12.82 22.63 4.10
C LEU A 31 -12.60 22.96 2.59
N ALA A 32 -13.58 23.64 1.98
CA ALA A 32 -13.56 24.04 0.56
C ALA A 32 -12.63 25.22 0.30
N VAL A 33 -11.66 25.37 1.20
CA VAL A 33 -10.86 26.57 1.29
C VAL A 33 -9.80 26.69 0.18
N PRO A 34 -9.64 27.91 -0.34
CA PRO A 34 -8.85 28.27 -1.50
C PRO A 34 -7.40 27.83 -1.38
N VAL A 35 -6.86 27.81 -0.17
CA VAL A 35 -5.48 27.39 0.05
C VAL A 35 -5.42 26.20 0.97
N ARG A 36 -4.85 25.13 0.45
CA ARG A 36 -4.80 23.89 1.20
C ARG A 36 -3.38 23.35 1.26
N LEU A 37 -2.67 23.72 2.32
CA LEU A 37 -1.29 23.27 2.53
C LEU A 37 -1.35 22.25 3.66
N ASN A 38 -1.91 21.11 3.27
CA ASN A 38 -2.58 20.28 4.20
C ASN A 38 -2.07 18.86 4.10
N THR A 39 -1.67 18.46 2.89
CA THR A 39 -1.32 17.11 2.55
C THR A 39 0.07 17.13 1.96
N ASN A 40 0.73 15.98 1.88
CA ASN A 40 2.14 16.02 1.53
C ASN A 40 2.60 15.73 0.10
N GLU A 41 1.93 16.29 -0.90
CA GLU A 41 2.40 16.02 -2.27
C GLU A 41 2.93 17.25 -2.98
N ASN A 42 3.70 17.00 -4.04
CA ASN A 42 4.27 18.07 -4.82
C ASN A 42 3.17 18.80 -5.56
N PRO A 43 3.06 20.13 -5.33
CA PRO A 43 2.05 21.01 -5.94
C PRO A 43 2.37 21.47 -7.36
N HIS A 44 3.56 21.13 -7.84
CA HIS A 44 3.98 21.54 -9.16
C HIS A 44 3.47 20.56 -10.18
N PRO A 45 2.65 21.05 -11.12
CA PRO A 45 2.09 20.15 -12.10
C PRO A 45 3.23 19.58 -12.94
N PRO A 46 3.00 18.43 -13.60
CA PRO A 46 4.01 17.90 -14.54
C PRO A 46 4.15 18.77 -15.79
N THR A 47 5.05 18.38 -16.69
CA THR A 47 5.29 19.08 -17.95
C THR A 47 4.51 18.39 -19.05
N ARG A 48 4.20 19.11 -20.14
CA ARG A 48 3.61 18.41 -21.29
C ARG A 48 4.69 17.49 -21.82
N ALA A 49 5.90 18.04 -21.91
CA ALA A 49 7.05 17.25 -22.32
C ALA A 49 7.04 15.91 -21.56
N LEU A 50 6.91 15.98 -20.23
CA LEU A 50 6.85 14.79 -19.40
C LEU A 50 5.60 13.99 -19.71
N VAL A 51 4.44 14.63 -19.55
CA VAL A 51 3.16 13.98 -19.82
C VAL A 51 3.13 13.27 -21.17
N ASP A 52 3.36 13.99 -22.26
CA ASP A 52 3.22 13.36 -23.58
C ASP A 52 4.11 12.14 -23.67
N ASP A 53 5.28 12.22 -23.05
CA ASP A 53 6.22 11.13 -23.08
C ASP A 53 5.72 9.94 -22.24
N VAL A 54 5.22 10.21 -21.03
CA VAL A 54 4.68 9.11 -20.23
C VAL A 54 3.43 8.51 -20.87
N VAL A 55 2.51 9.34 -21.34
CA VAL A 55 1.41 8.80 -22.14
C VAL A 55 1.93 7.85 -23.24
N ARG A 56 2.83 8.32 -24.09
CA ARG A 56 3.37 7.47 -25.15
C ARG A 56 3.98 6.19 -24.58
N SER A 57 4.93 6.32 -23.67
CA SER A 57 5.56 5.15 -23.04
C SER A 57 4.52 4.15 -22.61
N VAL A 58 3.47 4.64 -21.97
CA VAL A 58 2.35 3.81 -21.52
C VAL A 58 1.59 3.23 -22.70
N ARG A 59 1.08 4.11 -23.56
CA ARG A 59 0.29 3.65 -24.68
C ARG A 59 0.98 2.44 -25.29
N GLU A 60 2.26 2.60 -25.64
CA GLU A 60 3.03 1.50 -26.22
C GLU A 60 3.07 0.26 -25.32
N ALA A 61 3.45 0.43 -24.06
CA ALA A 61 3.61 -0.73 -23.18
C ALA A 61 2.29 -1.45 -22.90
N ALA A 62 1.18 -0.81 -23.22
CA ALA A 62 -0.12 -1.33 -22.83
C ALA A 62 -0.63 -2.34 -23.82
N ILE A 63 -0.47 -2.03 -25.10
CA ILE A 63 -1.06 -2.91 -26.11
C ILE A 63 -0.16 -4.10 -26.47
N ASP A 64 0.90 -3.87 -27.23
CA ASP A 64 1.81 -4.94 -27.64
C ASP A 64 2.69 -5.50 -26.49
N LEU A 65 3.48 -4.62 -25.87
CA LEU A 65 4.47 -5.00 -24.85
C LEU A 65 3.91 -5.53 -23.51
N HIS A 66 2.60 -5.77 -23.44
CA HIS A 66 1.97 -6.33 -22.23
C HIS A 66 2.50 -7.74 -21.97
N ARG A 67 3.10 -8.31 -23.01
CA ARG A 67 3.62 -9.67 -23.00
C ARG A 67 4.83 -9.88 -22.09
N TYR A 68 5.93 -9.20 -22.40
CA TYR A 68 7.23 -9.52 -21.83
C TYR A 68 7.79 -8.44 -20.90
N PRO A 69 7.13 -8.18 -19.75
CA PRO A 69 7.67 -7.17 -18.82
C PRO A 69 9.03 -7.60 -18.25
N ASP A 70 9.96 -6.66 -18.16
CA ASP A 70 11.30 -6.90 -17.60
C ASP A 70 11.15 -7.65 -16.28
N ARG A 71 11.81 -8.79 -16.15
CA ARG A 71 11.61 -9.63 -14.98
C ARG A 71 12.23 -8.98 -13.75
N ASP A 72 13.42 -8.43 -13.95
CA ASP A 72 14.20 -7.86 -12.88
C ASP A 72 14.21 -6.35 -12.99
N ALA A 73 13.29 -5.82 -13.79
CA ALA A 73 13.20 -4.39 -14.02
C ALA A 73 14.61 -3.80 -14.08
N VAL A 74 15.40 -4.24 -15.06
CA VAL A 74 16.82 -3.93 -15.06
C VAL A 74 17.01 -2.58 -15.71
N ALA A 75 16.20 -2.32 -16.72
CA ALA A 75 16.11 -0.99 -17.31
C ALA A 75 15.85 -0.01 -16.16
N LEU A 76 14.71 -0.19 -15.52
CA LEU A 76 14.28 0.70 -14.46
C LEU A 76 15.36 0.85 -13.39
N ARG A 77 15.83 -0.26 -12.85
CA ARG A 77 16.89 -0.21 -11.83
C ARG A 77 18.17 0.52 -12.29
N ALA A 78 18.52 0.36 -13.56
CA ALA A 78 19.66 1.08 -14.13
C ALA A 78 19.39 2.56 -14.00
N ASP A 79 18.22 2.97 -14.49
CA ASP A 79 17.85 4.39 -14.50
C ASP A 79 17.86 4.92 -13.10
N LEU A 80 17.14 4.25 -12.21
CA LEU A 80 17.07 4.68 -10.82
C LEU A 80 18.47 4.93 -10.26
N ALA A 81 19.38 3.98 -10.48
CA ALA A 81 20.74 4.13 -9.96
C ALA A 81 21.39 5.34 -10.58
N GLY A 82 21.30 5.47 -11.90
CA GLY A 82 21.82 6.65 -12.59
C GLY A 82 21.29 7.91 -11.93
N TYR A 83 19.98 7.95 -11.73
CA TYR A 83 19.33 9.06 -11.07
C TYR A 83 19.87 9.31 -9.68
N LEU A 84 20.22 8.24 -8.98
CA LEU A 84 20.55 8.40 -7.57
C LEU A 84 22.02 8.72 -7.34
N THR A 85 22.90 8.14 -8.15
CA THR A 85 24.31 8.42 -7.99
C THR A 85 24.46 9.93 -8.17
N ALA A 86 23.86 10.41 -9.26
CA ALA A 86 23.86 11.82 -9.61
C ALA A 86 23.30 12.65 -8.47
N GLN A 87 22.18 12.21 -7.93
CA GLN A 87 21.57 12.88 -6.80
C GLN A 87 22.50 12.95 -5.57
N THR A 88 23.08 11.79 -5.20
CA THR A 88 23.77 11.64 -3.91
C THR A 88 25.30 11.64 -3.95
N GLY A 89 25.89 11.50 -5.13
CA GLY A 89 27.34 11.48 -5.23
C GLY A 89 27.98 10.14 -4.88
N ILE A 90 27.31 9.34 -4.05
CA ILE A 90 27.76 7.94 -3.80
C ILE A 90 27.53 7.09 -5.04
N GLN A 91 28.57 6.36 -5.45
CA GLN A 91 28.52 5.61 -6.70
C GLN A 91 27.59 4.42 -6.58
N LEU A 92 26.59 4.37 -7.48
CA LEU A 92 25.52 3.37 -7.40
C LEU A 92 25.17 2.68 -8.72
N GLY A 93 25.12 1.36 -8.66
CA GLY A 93 24.77 0.56 -9.81
C GLY A 93 23.50 -0.28 -9.62
N VAL A 94 23.04 -0.85 -10.73
CA VAL A 94 21.85 -1.69 -10.77
C VAL A 94 21.89 -2.82 -9.74
N GLU A 95 23.09 -3.20 -9.34
CA GLU A 95 23.24 -4.29 -8.37
C GLU A 95 23.15 -3.85 -6.90
N ASN A 96 22.73 -2.60 -6.68
CA ASN A 96 22.48 -2.01 -5.36
C ASN A 96 21.03 -1.59 -5.23
N ILE A 97 20.28 -1.74 -6.31
CA ILE A 97 18.91 -1.23 -6.40
C ILE A 97 17.90 -2.34 -6.61
N TRP A 98 16.75 -2.19 -5.96
CA TRP A 98 15.61 -3.10 -6.14
C TRP A 98 14.25 -2.37 -6.08
N ALA A 99 13.47 -2.48 -7.14
CA ALA A 99 12.21 -1.73 -7.22
C ALA A 99 11.00 -2.63 -7.14
N ALA A 100 9.84 -2.00 -6.88
CA ALA A 100 8.59 -2.69 -6.59
C ALA A 100 7.42 -1.71 -6.56
N ASN A 101 6.20 -2.21 -6.67
CA ASN A 101 5.03 -1.36 -6.94
C ASN A 101 4.80 -0.19 -6.01
N GLY A 102 5.14 -0.34 -4.75
CA GLY A 102 4.96 0.76 -3.83
C GLY A 102 5.89 0.67 -2.65
N SER A 103 5.71 1.58 -1.71
CA SER A 103 6.48 1.56 -0.46
C SER A 103 6.06 0.42 0.44
N ASN A 104 4.80 -0.04 0.32
CA ASN A 104 4.34 -1.20 1.07
C ASN A 104 4.95 -2.48 0.61
N GLU A 105 5.10 -2.59 -0.71
CA GLU A 105 5.64 -3.77 -1.33
C GLU A 105 7.13 -3.98 -0.97
N ILE A 106 7.94 -2.91 -1.04
CA ILE A 106 9.34 -3.01 -0.64
C ILE A 106 9.43 -3.37 0.84
N LEU A 107 8.66 -2.67 1.68
CA LEU A 107 8.67 -2.94 3.10
C LEU A 107 8.20 -4.37 3.32
N GLN A 108 7.35 -4.84 2.42
CA GLN A 108 6.83 -6.18 2.50
C GLN A 108 7.89 -7.22 2.17
N GLN A 109 8.50 -7.11 0.98
CA GLN A 109 9.56 -8.02 0.61
C GLN A 109 10.67 -8.04 1.66
N LEU A 110 11.12 -6.85 2.08
CA LEU A 110 12.16 -6.76 3.09
C LEU A 110 11.81 -7.64 4.28
N LEU A 111 10.52 -7.65 4.61
CA LEU A 111 10.03 -8.35 5.79
C LEU A 111 9.91 -9.83 5.52
N GLN A 112 9.57 -10.18 4.29
CA GLN A 112 9.55 -11.58 3.91
C GLN A 112 10.96 -12.17 4.02
N ALA A 113 11.96 -11.36 3.73
CA ALA A 113 13.34 -11.82 3.79
C ALA A 113 13.90 -11.83 5.21
N PHE A 114 13.64 -10.79 6.00
CA PHE A 114 14.33 -10.67 7.29
C PHE A 114 13.47 -10.63 8.54
N GLY A 115 12.16 -10.74 8.35
CA GLY A 115 11.21 -10.70 9.46
C GLY A 115 10.30 -11.92 9.47
N GLY A 116 9.00 -11.70 9.26
CA GLY A 116 8.04 -12.80 9.20
C GLY A 116 7.57 -13.39 10.53
N PRO A 117 6.86 -14.53 10.47
CA PRO A 117 6.48 -15.20 11.70
C PRO A 117 7.69 -15.45 12.59
N GLY A 118 7.48 -15.46 13.90
CA GLY A 118 8.55 -15.75 14.84
C GLY A 118 9.59 -14.64 15.03
N ARG A 119 9.55 -13.60 14.20
CA ARG A 119 10.48 -12.47 14.31
C ARG A 119 9.81 -11.22 14.85
N SER A 120 10.63 -10.26 15.29
CA SER A 120 10.12 -8.95 15.74
C SER A 120 10.72 -7.75 15.00
N ALA A 121 9.91 -6.70 14.88
CA ALA A 121 10.34 -5.42 14.33
C ALA A 121 9.94 -4.30 15.28
N ILE A 122 10.80 -3.30 15.41
CA ILE A 122 10.43 -2.13 16.19
C ILE A 122 10.66 -0.79 15.47
N GLY A 123 9.65 0.06 15.53
CA GLY A 123 9.65 1.33 14.82
C GLY A 123 9.54 2.47 15.79
N PHE A 124 9.45 3.70 15.28
CA PHE A 124 9.45 4.85 16.17
C PHE A 124 8.37 5.90 16.01
N VAL A 125 7.99 6.50 17.14
CA VAL A 125 7.25 7.76 17.16
C VAL A 125 8.22 8.83 17.67
N PRO A 126 8.49 9.85 16.85
CA PRO A 126 7.82 10.18 15.59
C PRO A 126 8.19 9.27 14.40
N SER A 127 7.20 8.91 13.59
CA SER A 127 7.45 8.09 12.40
C SER A 127 6.71 8.67 11.19
N TYR A 128 5.43 8.34 11.10
CA TYR A 128 4.54 8.94 10.10
C TYR A 128 3.32 9.36 10.90
N SER A 129 2.39 10.06 10.26
CA SER A 129 1.10 10.33 10.86
C SER A 129 0.27 9.04 10.90
N MET A 130 0.63 8.09 10.03
CA MET A 130 -0.09 6.83 9.87
C MET A 130 0.72 5.64 10.39
N HIS A 131 0.09 4.81 11.22
CA HIS A 131 0.67 3.53 11.62
C HIS A 131 0.45 2.52 10.47
N PRO A 132 1.50 2.23 9.67
CA PRO A 132 1.20 1.43 8.48
C PRO A 132 0.69 0.02 8.82
N ILE A 133 -0.12 -0.51 7.91
CA ILE A 133 -0.64 -1.86 8.02
C ILE A 133 -0.05 -2.63 6.87
N ILE A 134 0.63 -3.73 7.17
CA ILE A 134 1.26 -4.52 6.13
C ILE A 134 0.94 -6.01 6.35
N SER A 135 0.96 -6.81 5.27
CA SER A 135 0.62 -8.24 5.34
C SER A 135 1.84 -9.17 5.46
N ASP A 136 2.46 -9.21 6.63
CA ASP A 136 3.75 -9.90 6.75
C ASP A 136 3.71 -11.07 7.71
N GLY A 137 3.10 -10.83 8.87
CA GLY A 137 3.17 -11.77 9.97
C GLY A 137 4.30 -11.38 10.90
N THR A 138 4.95 -10.26 10.57
CA THR A 138 6.05 -9.74 11.36
C THR A 138 5.56 -8.73 12.41
N HIS A 139 5.61 -9.16 13.67
CA HIS A 139 5.10 -8.39 14.81
C HIS A 139 5.90 -7.13 15.05
N THR A 140 5.24 -5.99 14.89
CA THR A 140 5.89 -4.69 14.98
C THR A 140 5.45 -3.94 16.23
N GLU A 141 6.38 -3.18 16.82
CA GLU A 141 6.09 -2.41 18.01
C GLU A 141 6.74 -1.06 17.89
N TRP A 142 5.96 0.00 18.15
CA TRP A 142 6.42 1.38 17.99
C TRP A 142 6.66 2.04 19.32
N ILE A 143 7.72 2.84 19.40
CA ILE A 143 8.14 3.35 20.69
C ILE A 143 8.36 4.85 20.71
N GLU A 144 8.09 5.45 21.89
CA GLU A 144 8.23 6.89 22.12
C GLU A 144 9.70 7.22 22.16
N ALA A 145 10.14 8.06 21.23
CA ALA A 145 11.54 8.41 21.18
C ALA A 145 11.78 9.76 20.55
N SER A 146 10.93 10.74 20.87
CA SER A 146 11.10 12.07 20.29
C SER A 146 11.61 13.07 21.32
N ARG A 147 12.74 13.72 21.02
CA ARG A 147 13.22 14.83 21.82
C ARG A 147 12.08 15.82 22.02
N ALA A 148 11.74 16.11 23.27
CA ALA A 148 10.72 17.09 23.60
C ALA A 148 11.23 18.49 23.23
N ASN A 149 12.56 18.58 23.18
CA ASN A 149 13.30 19.71 22.65
C ASN A 149 12.63 20.22 21.37
N ASP A 150 12.67 19.40 20.33
CA ASP A 150 12.32 19.84 18.98
C ASP A 150 11.55 18.80 18.15
N PHE A 151 11.18 17.69 18.77
CA PHE A 151 10.34 16.68 18.12
C PHE A 151 11.05 15.81 17.06
N GLY A 152 12.38 15.88 17.01
CA GLY A 152 13.16 14.95 16.22
C GLY A 152 13.21 13.59 16.89
N LEU A 153 14.26 12.82 16.64
CA LEU A 153 14.37 11.50 17.23
C LEU A 153 15.39 11.48 18.36
N ASP A 154 14.98 11.00 19.52
CA ASP A 154 15.86 10.92 20.70
C ASP A 154 16.78 9.71 20.60
N VAL A 155 17.82 9.85 19.80
CA VAL A 155 18.73 8.76 19.52
C VAL A 155 19.04 7.88 20.75
N ASP A 156 19.20 8.50 21.90
CA ASP A 156 19.69 7.76 23.05
C ASP A 156 18.59 6.91 23.64
N VAL A 157 17.37 7.39 23.53
CA VAL A 157 16.20 6.57 23.84
C VAL A 157 16.09 5.41 22.87
N ALA A 158 16.40 5.69 21.61
CA ALA A 158 16.29 4.72 20.54
C ALA A 158 17.31 3.57 20.64
N VAL A 159 18.60 3.89 20.77
CA VAL A 159 19.61 2.86 20.98
C VAL A 159 19.30 2.07 22.25
N ALA A 160 18.78 2.77 23.25
CA ALA A 160 18.38 2.15 24.52
C ALA A 160 17.29 1.11 24.31
N ALA A 161 16.37 1.42 23.40
CA ALA A 161 15.32 0.48 23.08
C ALA A 161 15.88 -0.64 22.20
N VAL A 162 16.66 -0.28 21.19
CA VAL A 162 17.14 -1.29 20.26
C VAL A 162 18.03 -2.34 20.97
N VAL A 163 18.78 -1.96 22.00
CA VAL A 163 19.52 -2.99 22.77
C VAL A 163 18.59 -3.82 23.66
N ASP A 164 17.72 -3.16 24.42
CA ASP A 164 16.77 -3.90 25.25
C ASP A 164 15.88 -4.87 24.45
N ARG A 165 15.21 -4.38 23.41
CA ARG A 165 14.25 -5.17 22.62
C ARG A 165 14.89 -6.11 21.61
N LYS A 166 16.18 -5.92 21.34
CA LYS A 166 16.91 -6.80 20.41
C LYS A 166 16.10 -7.23 19.18
N PRO A 167 15.59 -6.26 18.38
CA PRO A 167 14.69 -6.63 17.30
C PRO A 167 15.36 -7.07 16.02
N ASP A 168 14.60 -7.83 15.24
CA ASP A 168 15.08 -8.32 13.97
C ASP A 168 15.17 -7.22 12.93
N VAL A 169 14.22 -6.28 12.99
CA VAL A 169 14.24 -5.13 12.08
C VAL A 169 13.92 -3.86 12.84
N VAL A 170 14.54 -2.77 12.40
CA VAL A 170 14.34 -1.48 13.02
C VAL A 170 13.94 -0.48 11.95
N PHE A 171 12.73 0.04 12.01
CA PHE A 171 12.35 1.04 11.02
C PHE A 171 12.81 2.35 11.56
N ILE A 172 13.24 3.21 10.65
CA ILE A 172 13.66 4.56 11.00
C ILE A 172 13.26 5.51 9.90
N ALA A 173 12.45 6.51 10.27
CA ALA A 173 12.00 7.52 9.34
C ALA A 173 13.01 8.64 9.31
N SER A 174 13.53 8.99 8.13
CA SER A 174 14.53 10.06 8.03
C SER A 174 14.59 10.71 6.65
N PRO A 175 14.05 11.93 6.48
CA PRO A 175 13.46 12.82 7.49
C PRO A 175 12.24 12.20 8.14
N ASN A 176 12.16 12.21 9.47
CA ASN A 176 11.01 11.60 10.17
C ASN A 176 9.90 12.60 10.10
N ASN A 177 8.69 12.20 10.48
CA ASN A 177 7.55 13.05 10.16
C ASN A 177 7.35 14.29 11.03
N PRO A 178 6.43 14.25 12.00
CA PRO A 178 5.94 15.54 12.47
C PRO A 178 6.93 16.69 12.22
N SER A 179 8.16 16.56 12.74
CA SER A 179 9.17 17.63 12.70
C SER A 179 9.76 17.87 11.32
N GLY A 180 10.01 16.78 10.62
CA GLY A 180 10.65 16.82 9.32
C GLY A 180 12.16 16.90 9.41
N GLN A 181 12.75 16.25 10.41
CA GLN A 181 14.19 16.35 10.56
C GLN A 181 14.84 15.03 10.31
N SER A 182 16.02 15.08 9.69
CA SER A 182 16.77 13.88 9.40
C SER A 182 17.53 13.37 10.62
N VAL A 183 18.16 12.21 10.49
CA VAL A 183 18.96 11.67 11.57
C VAL A 183 20.42 11.86 11.20
N SER A 184 21.20 12.48 12.07
CA SER A 184 22.58 12.79 11.71
C SER A 184 23.31 11.49 11.36
N LEU A 185 24.15 11.55 10.33
CA LEU A 185 24.79 10.32 9.91
C LEU A 185 25.51 9.64 11.05
N PRO A 186 26.19 10.40 11.91
CA PRO A 186 26.71 9.84 13.16
C PRO A 186 25.65 9.13 13.99
N ASP A 187 24.43 9.67 14.04
CA ASP A 187 23.42 9.07 14.91
C ASP A 187 22.94 7.73 14.37
N LEU A 188 22.73 7.65 13.07
CA LEU A 188 22.39 6.39 12.43
C LEU A 188 23.39 5.33 12.81
N CYS A 189 24.66 5.72 12.79
CA CYS A 189 25.73 4.82 13.17
C CYS A 189 25.46 4.29 14.56
N LYS A 190 25.29 5.19 15.52
CA LYS A 190 25.08 4.77 16.90
C LYS A 190 24.01 3.68 16.97
N LEU A 191 23.03 3.77 16.07
CA LEU A 191 21.89 2.83 16.05
C LEU A 191 22.23 1.54 15.35
N LEU A 192 22.89 1.65 14.20
CA LEU A 192 23.30 0.50 13.42
C LEU A 192 24.24 -0.40 14.23
N ASP A 193 25.09 0.21 15.06
CA ASP A 193 25.97 -0.55 15.94
C ASP A 193 25.14 -1.42 16.86
N VAL A 194 23.95 -0.96 17.20
CA VAL A 194 23.15 -1.64 18.20
C VAL A 194 22.06 -2.55 17.61
N ALA A 195 21.91 -2.56 16.29
CA ALA A 195 20.93 -3.44 15.66
C ALA A 195 21.44 -4.85 15.72
N PRO A 196 20.55 -5.82 16.01
CA PRO A 196 20.94 -7.21 15.84
C PRO A 196 20.86 -7.49 14.36
N GLY A 197 19.66 -7.31 13.80
CA GLY A 197 19.40 -7.68 12.42
C GLY A 197 19.56 -6.60 11.37
N ILE A 198 18.45 -5.92 11.08
CA ILE A 198 18.40 -4.96 9.97
C ILE A 198 17.87 -3.64 10.45
N ALA A 199 18.38 -2.58 9.83
CA ALA A 199 17.77 -1.28 9.93
C ALA A 199 17.32 -0.83 8.55
N ILE A 200 16.04 -0.50 8.45
CA ILE A 200 15.54 0.13 7.25
C ILE A 200 15.41 1.61 7.51
N VAL A 201 16.05 2.41 6.66
CA VAL A 201 15.89 3.84 6.76
C VAL A 201 15.06 4.40 5.63
N ASP A 202 13.93 4.99 6.01
CA ASP A 202 12.99 5.44 5.01
C ASP A 202 13.22 6.91 4.64
N GLU A 203 13.77 7.09 3.44
CA GLU A 203 14.05 8.42 2.93
C GLU A 203 13.06 8.82 1.86
N ALA A 204 11.79 8.63 2.11
CA ALA A 204 10.78 9.04 1.14
C ALA A 204 10.97 10.53 0.86
N TYR A 205 11.08 11.28 1.95
CA TYR A 205 11.18 12.72 1.91
C TYR A 205 12.58 13.21 1.59
N GLY A 206 13.49 12.27 1.34
CA GLY A 206 14.91 12.57 1.22
C GLY A 206 15.31 13.52 0.12
N GLU A 207 14.50 13.57 -0.92
CA GLU A 207 14.80 14.39 -2.09
C GLU A 207 14.76 15.87 -1.67
N PHE A 208 14.17 16.13 -0.50
CA PHE A 208 14.05 17.48 0.04
C PHE A 208 15.07 17.80 1.11
N SER A 209 15.93 16.86 1.45
CA SER A 209 16.80 17.03 2.61
C SER A 209 18.12 17.63 2.18
N SER A 210 18.57 18.64 2.91
CA SER A 210 19.88 19.22 2.66
C SER A 210 20.97 18.35 3.27
N GLN A 211 20.68 17.78 4.43
CA GLN A 211 21.61 16.87 5.07
C GLN A 211 21.77 15.59 4.22
N PRO A 212 23.02 15.13 3.98
CA PRO A 212 23.31 14.10 2.97
C PRO A 212 22.61 12.75 3.21
N SER A 213 22.41 11.99 2.14
CA SER A 213 21.72 10.69 2.22
C SER A 213 22.47 9.63 3.00
N ALA A 214 21.69 8.73 3.58
CA ALA A 214 22.20 7.64 4.40
C ALA A 214 22.76 6.51 3.55
N VAL A 215 22.60 6.60 2.24
CA VAL A 215 23.13 5.55 1.39
C VAL A 215 24.65 5.65 1.44
N SER A 216 25.14 6.65 2.19
CA SER A 216 26.57 6.79 2.45
C SER A 216 27.05 5.68 3.35
N LEU A 217 26.15 5.13 4.16
CA LEU A 217 26.56 4.15 5.14
C LEU A 217 26.44 2.70 4.67
N VAL A 218 25.70 2.46 3.58
CA VAL A 218 25.52 1.10 3.06
C VAL A 218 26.82 0.33 2.96
N GLU A 219 27.76 0.86 2.19
CA GLU A 219 28.98 0.11 1.94
C GLU A 219 29.90 0.14 3.17
N GLU A 220 29.43 0.80 4.24
CA GLU A 220 30.12 0.76 5.51
C GLU A 220 29.34 0.04 6.61
N TYR A 221 28.20 -0.53 6.26
CA TYR A 221 27.39 -1.32 7.21
C TYR A 221 26.57 -2.33 6.40
N PRO A 222 27.23 -3.05 5.49
CA PRO A 222 26.54 -3.71 4.38
C PRO A 222 25.52 -4.76 4.80
N SER A 223 25.78 -5.42 5.92
CA SER A 223 24.99 -6.55 6.40
C SER A 223 23.89 -6.12 7.37
N LYS A 224 23.73 -4.80 7.52
CA LYS A 224 22.80 -4.25 8.50
C LYS A 224 21.82 -3.28 7.87
N LEU A 225 22.33 -2.47 6.96
CA LEU A 225 21.57 -1.33 6.47
C LEU A 225 20.91 -1.50 5.12
N VAL A 226 19.63 -1.17 5.11
CA VAL A 226 18.84 -1.03 3.90
C VAL A 226 18.13 0.31 4.01
N VAL A 227 18.25 1.11 2.97
CA VAL A 227 17.50 2.36 2.88
C VAL A 227 16.48 2.26 1.75
N THR A 228 15.32 2.89 1.95
CA THR A 228 14.24 2.87 0.97
C THR A 228 13.84 4.27 0.51
N ARG A 229 13.41 4.38 -0.73
CA ARG A 229 12.77 5.61 -1.18
C ARG A 229 11.52 5.39 -1.99
N THR A 230 11.11 6.44 -2.67
CA THR A 230 9.87 6.44 -3.40
C THR A 230 9.86 7.57 -4.43
N MET A 231 8.96 7.47 -5.38
CA MET A 231 8.84 8.50 -6.36
C MET A 231 7.59 9.32 -6.08
N SER A 232 6.85 8.95 -5.03
CA SER A 232 5.53 9.52 -4.77
C SER A 232 5.56 10.92 -4.24
N LYS A 233 6.67 11.29 -3.62
CA LYS A 233 6.83 12.65 -3.09
C LYS A 233 7.45 13.54 -4.14
N ALA A 234 8.56 13.08 -4.73
CA ALA A 234 9.30 13.94 -5.65
C ALA A 234 8.71 14.04 -7.06
N PHE A 235 8.11 12.96 -7.54
CA PHE A 235 7.60 12.95 -8.90
C PHE A 235 6.15 13.34 -9.03
N ALA A 236 5.98 14.50 -9.65
CA ALA A 236 4.70 15.15 -9.83
C ALA A 236 3.63 14.24 -10.42
N PHE A 237 4.00 13.06 -10.91
CA PHE A 237 3.10 12.37 -11.82
C PHE A 237 3.30 10.87 -12.02
N ALA A 238 4.11 10.52 -13.00
CA ALA A 238 4.23 9.15 -13.44
C ALA A 238 4.90 8.28 -12.40
N GLY A 239 5.71 8.89 -11.54
CA GLY A 239 6.27 8.20 -10.39
C GLY A 239 5.16 7.59 -9.55
N GLY A 240 4.10 8.37 -9.33
CA GLY A 240 2.95 7.91 -8.55
C GLY A 240 3.45 6.96 -7.48
N ARG A 241 2.67 5.92 -7.21
CA ARG A 241 3.15 4.92 -6.28
C ARG A 241 4.20 4.06 -6.99
N LEU A 242 5.41 4.07 -6.44
CA LEU A 242 6.45 3.12 -6.86
C LEU A 242 7.62 3.28 -5.93
N GLY A 243 8.06 2.19 -5.31
CA GLY A 243 9.15 2.26 -4.35
C GLY A 243 10.39 1.50 -4.74
N TYR A 244 11.54 2.02 -4.39
CA TYR A 244 12.77 1.29 -4.60
C TYR A 244 13.53 1.24 -3.30
N LEU A 245 14.65 0.52 -3.31
CA LEU A 245 15.49 0.45 -2.13
C LEU A 245 16.93 0.36 -2.58
N ILE A 246 17.83 0.58 -1.64
CA ILE A 246 19.24 0.65 -1.92
C ILE A 246 19.98 -0.14 -0.84
N ALA A 247 20.80 -1.09 -1.25
CA ALA A 247 21.69 -1.79 -0.31
C ALA A 247 22.84 -2.49 -1.01
N THR A 248 23.66 -3.18 -0.21
CA THR A 248 24.73 -4.00 -0.73
C THR A 248 24.09 -5.07 -1.61
N PRO A 249 24.74 -5.37 -2.74
CA PRO A 249 24.21 -6.30 -3.72
C PRO A 249 23.65 -7.56 -3.06
N ALA A 250 24.32 -8.03 -2.01
CA ALA A 250 23.86 -9.21 -1.27
C ALA A 250 22.36 -9.17 -0.92
N VAL A 251 21.84 -8.00 -0.57
CA VAL A 251 20.43 -7.94 -0.18
C VAL A 251 19.56 -7.89 -1.42
N ILE A 252 20.10 -7.35 -2.51
CA ILE A 252 19.33 -7.36 -3.75
C ILE A 252 19.14 -8.81 -4.19
N ASP A 253 20.21 -9.60 -4.06
CA ASP A 253 20.13 -11.02 -4.36
C ASP A 253 19.03 -11.66 -3.51
N ALA A 254 18.96 -11.26 -2.23
CA ALA A 254 17.96 -11.78 -1.30
C ALA A 254 16.53 -11.45 -1.72
N MET A 255 16.35 -10.24 -2.23
CA MET A 255 15.08 -9.80 -2.78
C MET A 255 14.65 -10.65 -3.98
N LEU A 256 15.62 -10.97 -4.83
CA LEU A 256 15.38 -11.86 -5.97
C LEU A 256 14.78 -13.17 -5.50
N LEU A 257 15.27 -13.61 -4.36
CA LEU A 257 14.81 -14.82 -3.73
C LEU A 257 13.34 -14.76 -3.24
N VAL A 258 12.93 -13.65 -2.63
CA VAL A 258 11.59 -13.59 -2.03
C VAL A 258 10.51 -12.96 -2.87
N ARG A 259 10.86 -12.42 -4.01
CA ARG A 259 9.93 -11.68 -4.78
C ARG A 259 8.97 -12.54 -5.55
N LEU A 260 7.74 -12.08 -5.72
CA LEU A 260 6.83 -12.75 -6.63
C LEU A 260 7.29 -12.42 -8.02
N PRO A 261 7.91 -13.41 -8.63
CA PRO A 261 8.72 -13.25 -9.86
C PRO A 261 8.44 -12.09 -10.84
N TYR A 262 7.28 -12.07 -11.49
CA TYR A 262 6.95 -10.99 -12.42
C TYR A 262 5.94 -9.99 -11.85
N HIS A 263 6.41 -9.15 -10.91
CA HIS A 263 5.52 -8.33 -10.08
C HIS A 263 5.36 -6.89 -10.58
N LEU A 264 6.30 -6.46 -11.41
CA LEU A 264 6.36 -5.08 -11.86
C LEU A 264 5.96 -4.96 -13.34
N SER A 265 4.71 -4.62 -13.60
CA SER A 265 4.16 -4.65 -14.96
C SER A 265 4.90 -3.72 -15.91
N SER A 266 4.93 -4.09 -17.18
CA SER A 266 5.65 -3.31 -18.18
C SER A 266 5.06 -1.90 -18.30
N VAL A 267 3.79 -1.78 -17.94
CA VAL A 267 3.09 -0.51 -17.97
C VAL A 267 3.61 0.36 -16.84
N THR A 268 3.51 -0.14 -15.61
CA THR A 268 4.08 0.61 -14.48
C THR A 268 5.60 0.83 -14.66
N GLN A 269 6.32 -0.15 -15.20
CA GLN A 269 7.74 0.07 -15.47
C GLN A 269 7.98 1.16 -16.51
N ALA A 270 7.16 1.22 -17.55
CA ALA A 270 7.42 2.16 -18.65
C ALA A 270 7.12 3.56 -18.16
N ALA A 271 6.09 3.67 -17.34
CA ALA A 271 5.65 4.94 -16.79
C ALA A 271 6.75 5.57 -15.93
N ALA A 272 7.38 4.77 -15.07
CA ALA A 272 8.40 5.26 -14.17
C ALA A 272 9.67 5.68 -14.91
N ARG A 273 10.09 4.83 -15.83
CA ARG A 273 11.26 5.09 -16.65
C ARG A 273 11.14 6.44 -17.34
N ALA A 274 9.95 6.73 -17.86
CA ALA A 274 9.71 8.01 -18.47
C ALA A 274 9.98 9.12 -17.46
N ALA A 275 9.36 9.02 -16.30
CA ALA A 275 9.44 10.12 -15.36
C ALA A 275 10.88 10.40 -14.95
N LEU A 276 11.69 9.34 -14.90
CA LEU A 276 13.12 9.43 -14.64
C LEU A 276 13.86 10.11 -15.78
N ARG A 277 13.30 10.01 -16.98
CA ARG A 277 13.84 10.74 -18.11
C ARG A 277 13.56 12.24 -18.00
N HIS A 278 12.69 12.64 -17.09
CA HIS A 278 12.44 14.07 -16.92
C HIS A 278 12.76 14.50 -15.53
N SER A 279 13.79 13.88 -14.99
CA SER A 279 14.22 14.20 -13.64
C SER A 279 14.64 15.68 -13.49
N ASP A 280 15.21 16.27 -14.56
CA ASP A 280 15.72 17.64 -14.44
C ASP A 280 14.59 18.61 -14.20
N ASP A 281 13.49 18.41 -14.93
CA ASP A 281 12.27 19.16 -14.66
C ASP A 281 11.88 19.06 -13.19
N THR A 282 11.70 17.83 -12.70
CA THR A 282 11.15 17.65 -11.35
C THR A 282 12.12 18.05 -10.25
N LEU A 283 13.41 17.92 -10.51
CA LEU A 283 14.39 18.38 -9.55
C LEU A 283 14.36 19.91 -9.42
N SER A 284 14.31 20.60 -10.57
CA SER A 284 14.26 22.07 -10.54
C SER A 284 13.05 22.54 -9.73
N SER A 285 11.98 21.75 -9.75
CA SER A 285 10.80 22.12 -8.99
C SER A 285 10.88 21.66 -7.52
N VAL A 286 11.69 20.64 -7.25
CA VAL A 286 11.98 20.32 -5.85
C VAL A 286 12.82 21.46 -5.28
N ALA A 287 13.76 21.95 -6.06
CA ALA A 287 14.60 23.05 -5.62
C ALA A 287 13.72 24.23 -5.24
N ALA A 288 12.68 24.44 -6.06
CA ALA A 288 11.75 25.54 -5.83
C ALA A 288 11.08 25.38 -4.50
N LEU A 289 10.75 24.14 -4.17
CA LEU A 289 10.03 23.87 -2.93
C LEU A 289 10.91 24.12 -1.73
N ILE A 290 12.15 23.68 -1.83
CA ILE A 290 13.07 23.90 -0.75
C ILE A 290 13.22 25.40 -0.56
N ALA A 291 13.55 26.08 -1.66
CA ALA A 291 13.57 27.53 -1.75
C ALA A 291 12.39 28.15 -0.98
N GLU A 292 11.19 27.73 -1.36
CA GLU A 292 10.00 28.24 -0.73
C GLU A 292 9.90 27.88 0.73
N ARG A 293 10.34 26.67 1.08
CA ARG A 293 10.23 26.23 2.47
C ARG A 293 11.14 27.11 3.30
N GLU A 294 12.30 27.45 2.75
CA GLU A 294 13.23 28.27 3.51
C GLU A 294 12.62 29.65 3.74
N ARG A 295 12.12 30.27 2.67
CA ARG A 295 11.46 31.56 2.78
C ARG A 295 10.42 31.51 3.86
N VAL A 296 9.49 30.58 3.77
CA VAL A 296 8.48 30.46 4.82
C VAL A 296 9.12 30.37 6.21
N THR A 297 10.05 29.42 6.36
CA THR A 297 10.69 29.27 7.63
C THR A 297 11.25 30.58 8.18
N THR A 298 12.05 31.29 7.38
CA THR A 298 12.68 32.50 7.91
C THR A 298 11.60 33.50 8.17
N SER A 299 10.69 33.64 7.20
CA SER A 299 9.59 34.57 7.37
C SER A 299 8.79 34.32 8.64
N LEU A 300 8.50 33.05 8.94
CA LEU A 300 7.81 32.72 10.19
C LEU A 300 8.61 33.11 11.42
N ASN A 301 9.90 32.79 11.42
CA ASN A 301 10.77 33.10 12.55
C ASN A 301 10.75 34.58 12.83
N ASP A 302 10.92 35.34 11.76
CA ASP A 302 10.89 36.78 11.83
C ASP A 302 9.61 37.24 12.50
N MET A 303 8.51 36.56 12.25
CA MET A 303 7.29 36.96 12.89
C MET A 303 7.24 36.48 14.33
N GLY A 304 8.30 35.75 14.71
CA GLY A 304 8.45 35.25 16.06
C GLY A 304 7.81 33.90 16.31
N PHE A 305 7.67 33.12 15.26
CA PHE A 305 7.18 31.75 15.41
C PHE A 305 8.39 30.88 15.66
N ARG A 306 8.25 29.90 16.52
CA ARG A 306 9.27 28.89 16.62
C ARG A 306 8.99 27.92 15.48
N VAL A 307 9.94 27.76 14.58
CA VAL A 307 9.80 26.82 13.48
C VAL A 307 10.83 25.70 13.68
N ILE A 308 10.42 24.45 13.50
CA ILE A 308 11.38 23.38 13.65
C ILE A 308 12.14 23.22 12.35
N PRO A 309 13.46 23.34 12.38
CA PRO A 309 14.20 23.36 11.12
C PRO A 309 13.95 22.08 10.33
N SER A 310 13.25 22.22 9.21
CA SER A 310 12.73 21.07 8.49
C SER A 310 13.67 20.58 7.40
N ASP A 311 13.47 19.35 6.96
CA ASP A 311 14.29 18.76 5.91
C ASP A 311 13.42 18.16 4.85
N ALA A 312 12.11 18.20 5.10
CA ALA A 312 11.11 17.65 4.19
C ALA A 312 10.41 18.74 3.38
N ASN A 313 9.10 18.59 3.18
CA ASN A 313 8.36 19.49 2.32
C ASN A 313 7.19 20.14 3.06
N PHE A 314 7.41 20.36 4.35
CA PHE A 314 6.42 20.93 5.25
C PHE A 314 7.22 21.49 6.41
N VAL A 315 6.59 22.31 7.26
CA VAL A 315 7.27 22.82 8.44
C VAL A 315 6.35 22.63 9.60
N LEU A 316 6.87 22.10 10.69
CA LEU A 316 6.10 22.09 11.93
C LEU A 316 6.52 23.32 12.72
N PHE A 317 5.54 24.11 13.14
CA PHE A 317 5.83 25.43 13.69
C PHE A 317 4.81 25.78 14.74
N GLY A 318 5.25 26.60 15.70
CA GLY A 318 4.44 27.07 16.82
C GLY A 318 4.99 28.40 17.28
N GLU A 319 4.73 28.76 18.53
CA GLU A 319 4.11 27.87 19.48
C GLU A 319 2.83 28.46 20.05
N PHE A 320 1.69 27.92 19.65
CA PHE A 320 0.40 28.50 20.00
C PHE A 320 -0.02 28.23 21.42
N ALA A 321 -0.81 29.15 21.96
CA ALA A 321 -1.36 29.00 23.28
C ALA A 321 -2.32 27.83 23.23
N ASP A 322 -2.85 27.57 22.03
CA ASP A 322 -3.81 26.50 21.79
C ASP A 322 -3.85 26.10 20.30
N ALA A 323 -3.21 24.96 20.00
CA ALA A 323 -2.96 24.58 18.62
C ALA A 323 -4.25 24.45 17.81
N PRO A 324 -5.21 23.62 18.30
CA PRO A 324 -6.46 23.42 17.56
C PRO A 324 -7.21 24.72 17.39
N ALA A 325 -7.01 25.66 18.31
CA ALA A 325 -7.77 26.91 18.27
C ALA A 325 -7.26 27.80 17.15
N ALA A 326 -5.95 27.70 16.91
CA ALA A 326 -5.26 28.50 15.94
C ALA A 326 -5.39 27.85 14.56
N TRP A 327 -5.49 26.53 14.56
CA TRP A 327 -5.72 25.80 13.33
C TRP A 327 -7.02 26.32 12.74
N ARG A 328 -7.97 26.51 13.66
CA ARG A 328 -9.29 26.98 13.34
C ARG A 328 -9.24 28.42 12.82
N ARG A 329 -8.41 29.24 13.46
CA ARG A 329 -8.18 30.60 13.01
C ARG A 329 -7.74 30.64 11.55
N TYR A 330 -6.80 29.76 11.23
CA TYR A 330 -6.19 29.69 9.91
C TYR A 330 -7.25 29.36 8.88
N LEU A 331 -8.05 28.35 9.22
CA LEU A 331 -9.11 27.90 8.35
C LEU A 331 -10.06 29.05 8.08
N GLU A 332 -10.31 29.86 9.12
CA GLU A 332 -11.24 30.97 9.00
C GLU A 332 -10.68 31.95 7.99
N ALA A 333 -9.36 32.04 7.92
CA ALA A 333 -8.73 32.92 6.95
C ALA A 333 -8.61 32.24 5.59
N GLY A 334 -9.18 31.05 5.46
CA GLY A 334 -9.19 30.37 4.17
C GLY A 334 -7.96 29.53 3.93
N ILE A 335 -7.28 29.18 5.03
CA ILE A 335 -6.03 28.42 4.96
C ILE A 335 -6.18 27.08 5.70
N LEU A 336 -6.02 26.00 4.96
CA LEU A 336 -6.09 24.70 5.58
C LEU A 336 -4.70 24.09 5.71
N ILE A 337 -4.30 23.92 6.97
CA ILE A 337 -3.08 23.21 7.28
C ILE A 337 -3.47 22.09 8.21
N ARG A 338 -2.52 21.27 8.64
CA ARG A 338 -2.84 20.09 9.46
C ARG A 338 -2.47 20.22 10.95
N ASP A 339 -3.39 19.85 11.84
CA ASP A 339 -3.03 19.67 13.26
C ASP A 339 -2.46 18.28 13.46
N VAL A 340 -1.15 18.16 13.55
CA VAL A 340 -0.59 16.83 13.63
C VAL A 340 -0.78 16.29 15.05
N GLY A 341 -1.46 17.04 15.89
CA GLY A 341 -1.80 16.51 17.19
C GLY A 341 -0.82 16.95 18.24
N ILE A 342 0.17 17.72 17.85
CA ILE A 342 1.06 18.23 18.85
C ILE A 342 0.51 19.47 19.50
N PRO A 343 0.70 19.56 20.79
CA PRO A 343 0.01 20.52 21.65
C PRO A 343 0.23 21.98 21.33
N GLY A 344 1.38 22.34 20.85
CA GLY A 344 1.60 23.75 20.56
C GLY A 344 1.86 24.09 19.11
N TYR A 345 2.03 23.07 18.28
CA TYR A 345 2.48 23.30 16.94
C TYR A 345 1.48 22.83 15.89
N LEU A 346 1.78 23.14 14.63
CA LEU A 346 0.93 22.79 13.49
C LEU A 346 1.83 22.54 12.31
N ARG A 347 1.39 21.64 11.44
CA ARG A 347 2.20 21.26 10.28
C ARG A 347 1.62 21.94 9.07
N ALA A 348 2.43 22.73 8.41
CA ALA A 348 1.99 23.44 7.24
C ALA A 348 2.86 23.01 6.10
N THR A 349 2.22 22.38 5.12
CA THR A 349 2.90 21.89 3.95
C THR A 349 3.38 23.08 3.14
N THR A 350 4.53 22.95 2.51
CA THR A 350 5.01 24.04 1.70
C THR A 350 4.38 23.89 0.31
N GLY A 351 3.86 25.00 -0.22
CA GLY A 351 3.16 24.97 -1.48
C GLY A 351 3.75 25.85 -2.57
N LEU A 352 2.88 26.35 -3.43
CA LEU A 352 3.30 27.28 -4.47
C LEU A 352 3.57 28.62 -3.81
N ALA A 353 4.30 29.48 -4.51
CA ALA A 353 4.59 30.80 -3.99
C ALA A 353 3.34 31.54 -3.51
N GLU A 354 2.29 31.58 -4.34
CA GLU A 354 1.10 32.38 -3.99
C GLU A 354 0.43 31.84 -2.76
N GLU A 355 0.31 30.51 -2.71
CA GLU A 355 -0.24 29.82 -1.54
C GLU A 355 0.60 30.12 -0.30
N ASN A 356 1.92 30.03 -0.44
CA ASN A 356 2.83 30.33 0.65
C ASN A 356 2.68 31.73 1.20
N ASP A 357 2.47 32.69 0.30
CA ASP A 357 2.27 34.08 0.69
C ASP A 357 1.01 34.17 1.51
N ALA A 358 -0.05 33.50 1.05
CA ALA A 358 -1.32 33.60 1.74
C ALA A 358 -1.20 33.02 3.15
N PHE A 359 -0.42 31.96 3.28
CA PHE A 359 -0.18 31.33 4.57
C PHE A 359 0.53 32.30 5.53
N LEU A 360 1.42 33.08 4.97
CA LEU A 360 2.21 33.99 5.77
C LEU A 360 1.39 35.18 6.18
N ARG A 361 0.70 35.78 5.21
CA ARG A 361 -0.19 36.88 5.50
C ARG A 361 -1.12 36.51 6.63
N ALA A 362 -1.70 35.31 6.57
CA ALA A 362 -2.54 34.79 7.64
C ALA A 362 -1.76 34.61 8.94
N SER A 363 -0.58 34.01 8.84
CA SER A 363 0.31 33.86 10.00
C SER A 363 0.50 35.19 10.69
N ALA A 364 0.80 36.22 9.93
CA ALA A 364 0.91 37.58 10.46
C ALA A 364 -0.24 37.97 11.38
N ARG A 365 -1.49 37.82 10.96
CA ARG A 365 -2.61 38.22 11.84
C ARG A 365 -2.76 37.29 13.02
N ILE A 366 -2.82 36.01 12.72
CA ILE A 366 -2.98 34.98 13.76
C ILE A 366 -1.85 35.06 14.79
N ALA A 367 -0.72 35.63 14.40
CA ALA A 367 0.45 35.62 15.28
C ALA A 367 0.08 36.14 16.66
N THR A 368 -0.76 37.17 16.70
CA THR A 368 -1.29 37.74 17.95
C THR A 368 -2.01 36.64 18.80
N ASP A 369 -1.27 35.60 19.16
CA ASP A 369 -1.93 34.35 19.53
C ASP A 369 -1.00 33.26 20.02
N LEU A 370 0.28 33.56 20.09
CA LEU A 370 1.26 32.59 20.59
C LEU A 370 1.52 32.80 22.11
N VAL A 371 2.07 31.79 22.78
CA VAL A 371 2.46 31.91 24.19
C VAL A 371 3.50 33.03 24.39
N PRO A 372 3.19 34.01 25.27
CA PRO A 372 3.97 35.22 25.59
C PRO A 372 5.48 35.06 25.98
N VAL A 373 6.10 36.15 26.47
CA VAL A 373 7.56 36.28 26.80
C VAL A 373 8.47 35.66 25.74
N HIS B 7 36.99 -8.76 1.34
CA HIS B 7 35.95 -9.59 2.03
C HIS B 7 34.53 -9.17 1.64
N PRO B 8 34.18 -9.23 0.32
CA PRO B 8 32.84 -8.82 -0.13
C PRO B 8 31.72 -9.62 0.56
N VAL B 9 30.58 -8.97 0.79
CA VAL B 9 29.49 -9.53 1.61
C VAL B 9 28.46 -10.35 0.82
N THR B 10 28.07 -11.52 1.34
CA THR B 10 27.07 -12.38 0.69
C THR B 10 25.92 -12.75 1.61
N LEU B 11 25.05 -13.62 1.12
CA LEU B 11 23.83 -13.97 1.84
C LEU B 11 24.12 -14.54 3.22
N ASP B 12 25.26 -15.19 3.37
CA ASP B 12 25.60 -15.83 4.62
C ASP B 12 25.82 -14.81 5.73
N ASP B 13 26.17 -13.58 5.37
CA ASP B 13 26.41 -12.54 6.37
C ASP B 13 25.12 -11.83 6.80
N LEU B 14 24.09 -11.88 5.95
CA LEU B 14 22.80 -11.22 6.20
C LEU B 14 21.94 -12.02 7.18
N PRO B 15 21.21 -11.31 8.07
CA PRO B 15 20.35 -12.04 8.99
C PRO B 15 19.08 -12.58 8.35
N LEU B 16 19.23 -13.23 7.19
CA LEU B 16 18.11 -13.89 6.53
C LEU B 16 17.24 -14.69 7.49
N ARG B 17 15.99 -14.93 7.10
CA ARG B 17 15.21 -15.94 7.76
C ARG B 17 15.82 -17.31 7.45
N ALA B 18 15.95 -18.14 8.47
CA ALA B 18 16.43 -19.49 8.31
C ALA B 18 15.75 -20.19 7.12
N ASP B 19 14.44 -20.05 7.04
CA ASP B 19 13.64 -20.67 5.97
C ASP B 19 14.28 -20.56 4.61
N LEU B 20 15.10 -19.53 4.41
CA LEU B 20 15.56 -19.18 3.06
C LEU B 20 17.04 -19.41 2.80
N ARG B 21 17.77 -19.85 3.83
CA ARG B 21 19.18 -20.21 3.70
C ARG B 21 19.39 -21.29 2.63
N GLY B 22 20.55 -21.27 2.00
CA GLY B 22 20.93 -22.30 1.03
C GLY B 22 20.20 -22.25 -0.29
N LYS B 23 19.13 -21.46 -0.37
CA LYS B 23 18.37 -21.30 -1.62
C LYS B 23 19.14 -20.48 -2.65
N ALA B 24 19.46 -21.11 -3.77
CA ALA B 24 20.05 -20.41 -4.89
C ALA B 24 18.99 -19.42 -5.41
N PRO B 25 19.32 -18.11 -5.40
CA PRO B 25 18.35 -17.13 -5.88
C PRO B 25 18.21 -17.22 -7.39
N TYR B 26 17.05 -17.62 -7.88
CA TYR B 26 16.82 -17.72 -9.32
C TYR B 26 16.93 -16.33 -9.97
N GLY B 27 18.07 -15.67 -9.72
CA GLY B 27 18.36 -14.33 -10.25
C GLY B 27 18.64 -14.31 -11.74
N ALA B 28 18.97 -13.12 -12.26
CA ALA B 28 19.04 -12.86 -13.70
C ALA B 28 17.64 -13.06 -14.32
N PRO B 29 17.37 -12.49 -15.50
CA PRO B 29 16.09 -12.81 -16.13
C PRO B 29 16.01 -14.24 -16.67
N GLN B 30 16.29 -15.22 -15.82
CA GLN B 30 16.32 -16.65 -16.17
C GLN B 30 14.97 -17.25 -16.54
N LEU B 31 14.02 -16.43 -17.02
CA LEU B 31 12.69 -16.93 -17.38
C LEU B 31 12.14 -16.45 -18.74
N ALA B 32 12.62 -17.08 -19.82
CA ALA B 32 12.03 -16.89 -21.15
C ALA B 32 10.58 -17.38 -21.10
N VAL B 33 10.22 -17.98 -19.95
CA VAL B 33 8.96 -18.71 -19.76
C VAL B 33 7.78 -18.05 -20.43
N PRO B 34 7.33 -18.67 -21.54
CA PRO B 34 6.18 -18.10 -22.23
C PRO B 34 5.04 -17.85 -21.24
N VAL B 35 4.90 -18.73 -20.24
CA VAL B 35 3.71 -18.70 -19.40
C VAL B 35 3.99 -18.30 -17.97
N ARG B 36 3.36 -17.22 -17.53
CA ARG B 36 3.32 -16.84 -16.12
C ARG B 36 1.89 -16.81 -15.56
N LEU B 37 1.67 -17.74 -14.63
CA LEU B 37 0.40 -17.99 -13.99
C LEU B 37 0.61 -17.96 -12.47
N ASN B 38 1.64 -17.21 -12.06
CA ASN B 38 2.00 -17.09 -10.67
C ASN B 38 1.58 -15.73 -10.14
N THR B 39 1.33 -14.79 -11.06
CA THR B 39 0.88 -13.46 -10.70
C THR B 39 -0.46 -13.53 -10.03
N ASN B 40 -0.99 -12.36 -9.70
CA ASN B 40 -2.13 -12.30 -8.82
C ASN B 40 -3.26 -11.41 -9.33
N GLU B 41 -3.20 -11.05 -10.60
CA GLU B 41 -4.17 -10.13 -11.13
C GLU B 41 -4.91 -10.67 -12.34
N ASN B 42 -4.49 -10.24 -13.52
CA ASN B 42 -5.30 -10.43 -14.68
C ASN B 42 -4.50 -10.30 -15.94
N PRO B 43 -4.60 -11.32 -16.81
CA PRO B 43 -3.92 -11.30 -18.10
C PRO B 43 -4.62 -10.35 -19.08
N HIS B 44 -5.78 -10.77 -19.58
CA HIS B 44 -6.53 -10.01 -20.57
C HIS B 44 -5.98 -8.62 -20.71
N PRO B 45 -5.50 -8.30 -21.91
CA PRO B 45 -4.87 -7.04 -22.20
C PRO B 45 -5.97 -5.99 -22.27
N PRO B 46 -5.59 -4.72 -22.35
CA PRO B 46 -6.69 -3.78 -22.37
C PRO B 46 -7.06 -3.41 -23.80
N THR B 47 -8.35 -3.23 -24.06
CA THR B 47 -8.83 -2.74 -25.34
C THR B 47 -8.08 -1.48 -25.74
N ARG B 48 -7.75 -1.37 -27.03
CA ARG B 48 -7.26 -0.11 -27.59
C ARG B 48 -8.25 1.00 -27.25
N ALA B 49 -9.48 0.60 -26.95
CA ALA B 49 -10.56 1.52 -26.65
C ALA B 49 -10.45 2.06 -25.23
N LEU B 50 -10.19 1.14 -24.31
CA LEU B 50 -9.97 1.49 -22.91
C LEU B 50 -8.67 2.27 -22.73
N VAL B 51 -7.63 1.91 -23.49
CA VAL B 51 -6.34 2.59 -23.39
C VAL B 51 -6.43 4.02 -23.87
N ASP B 52 -7.17 4.23 -24.95
CA ASP B 52 -7.40 5.58 -25.45
C ASP B 52 -8.17 6.43 -24.46
N ASP B 53 -9.17 5.83 -23.81
CA ASP B 53 -9.90 6.53 -22.75
C ASP B 53 -8.94 6.96 -21.65
N VAL B 54 -8.09 6.05 -21.20
CA VAL B 54 -7.13 6.37 -20.13
C VAL B 54 -6.21 7.49 -20.55
N VAL B 55 -5.56 7.34 -21.69
CA VAL B 55 -4.61 8.37 -22.13
C VAL B 55 -5.31 9.69 -22.40
N ARG B 56 -6.58 9.66 -22.81
CA ARG B 56 -7.30 10.90 -22.97
C ARG B 56 -7.49 11.45 -21.60
N SER B 57 -8.17 10.67 -20.76
CA SER B 57 -8.59 11.13 -19.44
C SER B 57 -7.43 11.69 -18.64
N VAL B 58 -6.36 10.92 -18.58
CA VAL B 58 -5.22 11.25 -17.76
C VAL B 58 -4.55 12.47 -18.32
N ARG B 59 -4.43 12.48 -19.65
CA ARG B 59 -3.81 13.61 -20.34
C ARG B 59 -4.52 14.89 -19.96
N GLU B 60 -5.85 14.85 -19.91
CA GLU B 60 -6.62 16.06 -19.63
C GLU B 60 -6.48 16.57 -18.19
N ALA B 61 -6.51 15.66 -17.22
CA ALA B 61 -6.46 16.03 -15.81
C ALA B 61 -5.06 16.42 -15.31
N ALA B 62 -4.04 15.78 -15.86
CA ALA B 62 -2.68 15.83 -15.32
C ALA B 62 -2.17 17.21 -15.03
N ILE B 63 -2.32 18.10 -16.01
CA ILE B 63 -1.87 19.47 -15.88
C ILE B 63 -2.94 20.31 -15.20
N ASP B 64 -4.07 20.48 -15.88
CA ASP B 64 -5.05 21.45 -15.46
C ASP B 64 -5.64 21.19 -14.09
N LEU B 65 -5.91 19.93 -13.78
CA LEU B 65 -6.55 19.63 -12.51
C LEU B 65 -5.52 19.14 -11.50
N HIS B 66 -4.25 19.46 -11.72
CA HIS B 66 -3.25 18.92 -10.80
C HIS B 66 -3.53 19.33 -9.37
N ARG B 67 -3.88 20.59 -9.17
CA ARG B 67 -4.14 21.11 -7.84
C ARG B 67 -5.61 21.04 -7.45
N TYR B 68 -6.42 20.32 -8.24
CA TYR B 68 -7.87 20.33 -8.02
C TYR B 68 -8.54 18.95 -7.98
N PRO B 69 -7.92 17.98 -7.31
CA PRO B 69 -8.57 16.67 -7.21
C PRO B 69 -9.88 16.74 -6.46
N ASP B 70 -10.82 15.85 -6.77
CA ASP B 70 -12.02 15.78 -5.96
C ASP B 70 -11.66 15.09 -4.67
N ARG B 71 -11.47 15.89 -3.65
CA ARG B 71 -10.96 15.44 -2.37
C ARG B 71 -11.90 14.43 -1.72
N ASP B 72 -13.11 14.34 -2.27
CA ASP B 72 -14.13 13.46 -1.72
C ASP B 72 -14.47 12.29 -2.65
N ALA B 73 -13.74 12.25 -3.77
CA ALA B 73 -13.81 11.13 -4.69
C ALA B 73 -15.23 10.83 -5.04
N VAL B 74 -16.02 11.88 -5.22
CA VAL B 74 -17.44 11.69 -5.51
C VAL B 74 -17.72 10.97 -6.83
N ALA B 75 -17.30 11.54 -7.96
CA ALA B 75 -17.61 10.90 -9.22
C ALA B 75 -17.14 9.44 -9.23
N LEU B 76 -15.89 9.22 -8.84
CA LEU B 76 -15.31 7.86 -8.79
C LEU B 76 -16.19 6.93 -8.00
N ARG B 77 -16.54 7.36 -6.79
CA ARG B 77 -17.44 6.64 -5.92
C ARG B 77 -18.76 6.30 -6.56
N ALA B 78 -19.35 7.27 -7.25
CA ALA B 78 -20.59 7.02 -7.98
C ALA B 78 -20.35 6.01 -9.10
N ASP B 79 -19.25 6.18 -9.82
CA ASP B 79 -18.90 5.26 -10.89
C ASP B 79 -18.76 3.82 -10.40
N LEU B 80 -18.01 3.68 -9.32
CA LEU B 80 -17.89 2.41 -8.65
C LEU B 80 -19.26 1.89 -8.27
N ALA B 81 -20.03 2.71 -7.56
CA ALA B 81 -21.38 2.33 -7.14
C ALA B 81 -22.16 1.81 -8.33
N GLY B 82 -22.06 2.55 -9.43
CA GLY B 82 -22.71 2.15 -10.66
C GLY B 82 -22.35 0.73 -10.98
N TYR B 83 -21.08 0.53 -11.30
CA TYR B 83 -20.53 -0.80 -11.62
C TYR B 83 -20.98 -1.89 -10.65
N LEU B 84 -20.88 -1.63 -9.36
CA LEU B 84 -21.26 -2.63 -8.37
C LEU B 84 -22.70 -3.06 -8.51
N THR B 85 -23.60 -2.09 -8.64
CA THR B 85 -25.00 -2.40 -8.78
C THR B 85 -25.19 -3.37 -9.94
N ALA B 86 -24.54 -3.11 -11.07
CA ALA B 86 -24.52 -4.10 -12.16
C ALA B 86 -23.92 -5.43 -11.71
N GLN B 87 -22.62 -5.43 -11.41
CA GLN B 87 -21.89 -6.67 -11.12
C GLN B 87 -22.52 -7.54 -10.03
N THR B 88 -23.12 -6.94 -9.00
CA THR B 88 -23.70 -7.74 -7.93
C THR B 88 -25.20 -7.87 -8.06
N GLY B 89 -25.84 -6.83 -8.57
CA GLY B 89 -27.28 -6.86 -8.67
C GLY B 89 -27.92 -6.11 -7.53
N ILE B 90 -27.16 -5.85 -6.48
CA ILE B 90 -27.68 -5.07 -5.37
C ILE B 90 -27.67 -3.58 -5.70
N GLN B 91 -28.80 -2.90 -5.55
CA GLN B 91 -28.90 -1.51 -5.95
C GLN B 91 -28.09 -0.59 -5.01
N LEU B 92 -26.96 -0.11 -5.54
CA LEU B 92 -25.98 0.68 -4.81
C LEU B 92 -25.84 2.08 -5.35
N GLY B 93 -25.51 3.00 -4.45
CA GLY B 93 -25.25 4.38 -4.84
C GLY B 93 -24.03 5.00 -4.19
N VAL B 94 -23.65 6.17 -4.70
CA VAL B 94 -22.47 6.88 -4.23
C VAL B 94 -22.37 6.98 -2.73
N GLU B 95 -23.49 6.94 -2.03
CA GLU B 95 -23.50 7.16 -0.59
C GLU B 95 -23.20 5.90 0.22
N ASN B 96 -22.89 4.82 -0.51
CA ASN B 96 -22.55 3.50 0.07
C ASN B 96 -21.08 3.18 -0.12
N ILE B 97 -20.43 3.91 -1.04
CA ILE B 97 -19.07 3.62 -1.44
C ILE B 97 -18.06 4.58 -0.81
N TRP B 98 -16.89 4.08 -0.44
CA TRP B 98 -15.83 4.96 -0.02
C TRP B 98 -14.50 4.49 -0.58
N ALA B 99 -13.70 5.41 -1.10
CA ALA B 99 -12.50 5.05 -1.85
C ALA B 99 -11.21 5.52 -1.20
N ALA B 100 -10.12 4.77 -1.43
CA ALA B 100 -8.79 5.15 -0.94
C ALA B 100 -7.66 4.58 -1.81
N ASN B 101 -6.43 4.97 -1.48
CA ASN B 101 -5.24 4.65 -2.28
C ASN B 101 -5.01 3.16 -2.48
N GLY B 102 -5.31 2.39 -1.45
CA GLY B 102 -5.07 0.97 -1.49
C GLY B 102 -6.00 0.28 -0.52
N SER B 103 -5.80 -1.01 -0.31
CA SER B 103 -6.70 -1.75 0.56
C SER B 103 -6.27 -1.52 1.99
N ASN B 104 -4.97 -1.30 2.14
CA ASN B 104 -4.42 -0.99 3.44
C ASN B 104 -4.95 0.30 4.01
N GLU B 105 -5.06 1.32 3.15
CA GLU B 105 -5.61 2.61 3.55
C GLU B 105 -7.05 2.44 4.02
N ILE B 106 -7.93 1.87 3.20
CA ILE B 106 -9.32 1.76 3.66
C ILE B 106 -9.43 0.91 4.95
N LEU B 107 -8.55 -0.07 5.10
CA LEU B 107 -8.54 -0.87 6.33
C LEU B 107 -8.07 -0.01 7.49
N GLN B 108 -7.25 0.98 7.18
CA GLN B 108 -6.69 1.87 8.17
C GLN B 108 -7.76 2.82 8.65
N GLN B 109 -8.51 3.37 7.71
CA GLN B 109 -9.58 4.31 8.03
C GLN B 109 -10.62 3.67 8.94
N LEU B 110 -11.02 2.47 8.57
CA LEU B 110 -11.99 1.74 9.36
C LEU B 110 -11.50 1.54 10.77
N LEU B 111 -10.22 1.26 10.93
CA LEU B 111 -9.73 1.01 12.26
C LEU B 111 -9.65 2.27 13.12
N GLN B 112 -9.63 3.43 12.47
CA GLN B 112 -9.67 4.67 13.23
C GLN B 112 -11.07 5.07 13.66
N ALA B 113 -12.05 4.76 12.82
CA ALA B 113 -13.43 4.90 13.24
C ALA B 113 -13.77 3.86 14.30
N PHE B 114 -13.59 2.56 14.02
CA PHE B 114 -14.18 1.56 14.91
C PHE B 114 -13.22 0.78 15.77
N GLY B 115 -11.93 1.00 15.60
CA GLY B 115 -10.92 0.29 16.38
C GLY B 115 -10.07 1.24 17.18
N GLY B 116 -8.77 0.95 17.26
CA GLY B 116 -7.85 1.79 18.01
C GLY B 116 -7.77 1.42 19.47
N PRO B 117 -7.02 2.20 20.27
CA PRO B 117 -6.75 1.86 21.67
C PRO B 117 -8.02 1.52 22.45
N GLY B 118 -7.93 0.54 23.34
CA GLY B 118 -9.08 0.16 24.18
C GLY B 118 -10.02 -0.78 23.47
N ARG B 119 -10.20 -0.53 22.17
CA ARG B 119 -10.95 -1.42 21.26
C ARG B 119 -10.20 -2.73 21.01
N SER B 120 -10.90 -3.72 20.50
CA SER B 120 -10.24 -4.98 20.15
C SER B 120 -10.88 -5.64 18.93
N ALA B 121 -10.07 -6.34 18.15
CA ALA B 121 -10.56 -7.01 16.99
C ALA B 121 -10.07 -8.45 16.98
N ILE B 122 -10.83 -9.34 16.35
CA ILE B 122 -10.28 -10.66 16.06
C ILE B 122 -10.44 -11.02 14.59
N GLY B 123 -9.47 -11.76 14.07
CA GLY B 123 -9.47 -12.14 12.67
C GLY B 123 -9.39 -13.63 12.50
N PHE B 124 -10.05 -14.13 11.46
CA PHE B 124 -9.99 -15.54 11.17
C PHE B 124 -9.18 -15.79 9.93
N VAL B 125 -8.24 -16.70 10.05
CA VAL B 125 -7.41 -17.10 8.93
C VAL B 125 -7.36 -18.63 8.82
N PRO B 126 -7.71 -19.16 7.63
CA PRO B 126 -7.41 -20.56 7.34
C PRO B 126 -5.90 -20.78 7.34
N SER B 127 -5.47 -22.03 7.42
CA SER B 127 -4.04 -22.30 7.48
C SER B 127 -3.29 -21.67 6.30
N TYR B 128 -2.07 -21.18 6.58
CA TYR B 128 -1.13 -20.66 5.57
C TYR B 128 -1.51 -19.32 4.96
N SER B 129 -2.54 -18.68 5.50
CA SER B 129 -2.96 -17.36 5.03
C SER B 129 -1.98 -16.28 5.47
N MET B 130 -2.05 -15.11 4.86
CA MET B 130 -1.29 -13.99 5.37
C MET B 130 -2.17 -12.81 5.77
N HIS B 131 -2.37 -12.70 7.09
CA HIS B 131 -3.18 -11.67 7.69
C HIS B 131 -2.39 -10.35 7.86
N PRO B 132 -3.10 -9.20 7.74
CA PRO B 132 -2.54 -7.87 8.00
C PRO B 132 -2.02 -7.72 9.44
N ILE B 133 -1.02 -6.89 9.67
CA ILE B 133 -0.59 -6.62 11.05
C ILE B 133 -0.99 -5.23 11.52
N ILE B 134 -1.85 -5.17 12.52
CA ILE B 134 -2.42 -3.90 12.94
C ILE B 134 -1.75 -3.37 14.19
N SER B 135 -1.17 -2.18 14.05
CA SER B 135 -0.24 -1.64 15.01
C SER B 135 -0.75 -0.40 15.71
N ASP B 136 -1.94 0.09 15.34
CA ASP B 136 -2.57 1.13 16.15
C ASP B 136 -3.13 0.47 17.42
N GLY B 137 -3.45 1.29 18.42
CA GLY B 137 -3.81 0.79 19.75
C GLY B 137 -4.82 -0.35 19.87
N THR B 138 -5.40 -0.80 18.75
CA THR B 138 -6.41 -1.87 18.76
C THR B 138 -5.80 -3.22 19.06
N HIS B 139 -6.40 -3.94 20.00
CA HIS B 139 -5.92 -5.25 20.38
C HIS B 139 -6.48 -6.30 19.44
N THR B 140 -5.60 -6.87 18.63
CA THR B 140 -6.01 -7.86 17.66
C THR B 140 -5.43 -9.21 17.98
N GLU B 141 -6.21 -10.23 17.64
CA GLU B 141 -5.84 -11.61 17.82
C GLU B 141 -6.33 -12.35 16.58
N TRP B 142 -5.55 -13.29 16.12
CA TRP B 142 -5.89 -13.98 14.92
C TRP B 142 -6.05 -15.44 15.21
N ILE B 143 -7.26 -15.94 15.09
CA ILE B 143 -7.49 -17.34 15.27
C ILE B 143 -7.32 -17.99 13.91
N GLU B 144 -6.46 -19.01 13.83
CA GLU B 144 -6.41 -19.89 12.67
C GLU B 144 -7.41 -21.02 12.90
N ALA B 145 -8.49 -21.00 12.14
CA ALA B 145 -9.55 -21.98 12.32
C ALA B 145 -10.02 -22.51 10.99
N SER B 146 -9.19 -23.34 10.37
CA SER B 146 -9.55 -23.97 9.10
C SER B 146 -9.97 -25.41 9.35
N ARG B 147 -10.57 -26.03 8.34
CA ARG B 147 -10.87 -27.46 8.40
C ARG B 147 -9.68 -28.23 7.85
N ALA B 148 -9.13 -29.12 8.68
CA ALA B 148 -8.10 -30.07 8.23
C ALA B 148 -8.73 -30.89 7.13
N ASN B 149 -8.75 -30.30 5.94
CA ASN B 149 -9.60 -30.74 4.86
C ASN B 149 -9.29 -29.93 3.60
N ASP B 150 -9.78 -28.69 3.58
CA ASP B 150 -9.80 -27.89 2.36
C ASP B 150 -9.26 -26.47 2.54
N PHE B 151 -8.66 -26.20 3.71
CA PHE B 151 -8.13 -24.86 3.99
C PHE B 151 -9.22 -23.78 3.95
N GLY B 152 -10.45 -24.18 4.23
CA GLY B 152 -11.57 -23.26 4.33
C GLY B 152 -11.78 -22.91 5.79
N LEU B 153 -12.66 -21.94 6.03
CA LEU B 153 -12.86 -21.42 7.38
C LEU B 153 -13.83 -22.25 8.20
N ASP B 154 -13.40 -22.77 9.35
CA ASP B 154 -14.30 -23.55 10.20
C ASP B 154 -15.34 -22.69 10.89
N VAL B 155 -16.37 -22.32 10.14
CA VAL B 155 -17.38 -21.37 10.58
C VAL B 155 -17.83 -21.60 12.04
N ASP B 156 -17.82 -22.85 12.48
CA ASP B 156 -18.29 -23.24 13.82
C ASP B 156 -17.47 -22.62 14.94
N VAL B 157 -16.16 -22.76 14.86
CA VAL B 157 -15.31 -22.18 15.89
C VAL B 157 -15.33 -20.68 15.76
N ALA B 158 -15.42 -20.21 14.53
CA ALA B 158 -15.46 -18.79 14.25
C ALA B 158 -16.56 -18.12 15.04
N VAL B 159 -17.77 -18.67 14.98
CA VAL B 159 -18.89 -18.04 15.68
C VAL B 159 -18.66 -18.12 17.18
N ALA B 160 -18.29 -19.32 17.65
CA ALA B 160 -18.04 -19.55 19.04
C ALA B 160 -16.98 -18.58 19.53
N ALA B 161 -15.99 -18.31 18.69
CA ALA B 161 -14.93 -17.35 19.02
C ALA B 161 -15.47 -15.93 19.07
N VAL B 162 -16.58 -15.68 18.39
CA VAL B 162 -17.06 -14.32 18.34
C VAL B 162 -17.94 -14.07 19.57
N VAL B 163 -18.79 -15.02 19.90
CA VAL B 163 -19.63 -14.91 21.07
C VAL B 163 -18.77 -14.82 22.31
N ASP B 164 -17.61 -15.49 22.29
CA ASP B 164 -16.73 -15.47 23.44
C ASP B 164 -15.88 -14.22 23.50
N ARG B 165 -15.21 -13.87 22.42
CA ARG B 165 -14.31 -12.75 22.55
C ARG B 165 -15.05 -11.42 22.50
N LYS B 166 -16.31 -11.48 22.11
CA LYS B 166 -17.15 -10.30 21.98
C LYS B 166 -16.43 -9.03 21.42
N PRO B 167 -15.83 -9.11 20.22
CA PRO B 167 -14.95 -8.04 19.76
C PRO B 167 -15.60 -6.89 18.99
N ASP B 168 -14.96 -5.72 19.10
CA ASP B 168 -15.40 -4.50 18.45
C ASP B 168 -15.34 -4.63 16.92
N VAL B 169 -14.28 -5.28 16.41
CA VAL B 169 -14.21 -5.59 14.97
C VAL B 169 -13.78 -7.02 14.60
N VAL B 170 -14.44 -7.56 13.59
CA VAL B 170 -14.24 -8.92 13.11
C VAL B 170 -13.72 -8.92 11.66
N PHE B 171 -12.64 -9.66 11.40
CA PHE B 171 -12.07 -9.75 10.05
C PHE B 171 -12.33 -11.09 9.40
N ILE B 172 -12.87 -11.07 8.18
CA ILE B 172 -12.97 -12.28 7.39
C ILE B 172 -12.56 -12.02 5.96
N ALA B 173 -12.06 -13.07 5.31
CA ALA B 173 -11.70 -13.05 3.90
C ALA B 173 -12.69 -13.94 3.15
N SER B 174 -13.23 -13.46 2.03
CA SER B 174 -14.19 -14.26 1.30
C SER B 174 -14.41 -13.75 -0.10
N PRO B 175 -13.80 -14.42 -1.08
CA PRO B 175 -13.07 -15.69 -0.91
C PRO B 175 -11.70 -15.51 -0.30
N ASN B 176 -11.18 -16.53 0.36
CA ASN B 176 -9.93 -16.39 1.10
C ASN B 176 -8.73 -17.15 0.56
N ASN B 177 -7.54 -16.65 0.85
CA ASN B 177 -6.35 -17.49 0.72
C ASN B 177 -6.39 -18.60 1.77
N PRO B 178 -5.73 -19.73 1.49
CA PRO B 178 -4.88 -19.97 0.34
C PRO B 178 -5.58 -20.76 -0.76
N SER B 179 -6.78 -21.23 -0.45
CA SER B 179 -7.49 -22.20 -1.29
C SER B 179 -8.54 -21.56 -2.17
N GLY B 180 -8.87 -20.30 -1.90
CA GLY B 180 -9.88 -19.59 -2.65
C GLY B 180 -11.31 -19.92 -2.27
N GLN B 181 -11.51 -20.41 -1.05
CA GLN B 181 -12.85 -20.69 -0.48
C GLN B 181 -13.72 -19.45 -0.18
N SER B 182 -14.99 -19.50 -0.58
CA SER B 182 -15.91 -18.47 -0.18
C SER B 182 -16.50 -18.90 1.13
N VAL B 183 -17.12 -17.95 1.82
CA VAL B 183 -17.85 -18.25 3.05
C VAL B 183 -19.33 -18.04 2.78
N SER B 184 -20.12 -19.11 2.90
CA SER B 184 -21.52 -19.08 2.44
C SER B 184 -22.31 -17.97 3.11
N LEU B 185 -23.22 -17.36 2.36
CA LEU B 185 -24.02 -16.28 2.95
C LEU B 185 -24.70 -16.69 4.27
N PRO B 186 -25.44 -17.80 4.27
CA PRO B 186 -25.92 -18.30 5.54
C PRO B 186 -24.85 -18.16 6.64
N ASP B 187 -23.62 -18.60 6.35
CA ASP B 187 -22.58 -18.58 7.35
C ASP B 187 -22.17 -17.18 7.77
N LEU B 188 -22.07 -16.26 6.82
CA LEU B 188 -21.80 -14.87 7.18
C LEU B 188 -22.82 -14.45 8.21
N CYS B 189 -24.09 -14.63 7.88
CA CYS B 189 -25.15 -14.20 8.76
C CYS B 189 -24.95 -14.72 10.17
N LYS B 190 -24.67 -16.02 10.26
CA LYS B 190 -24.40 -16.67 11.53
C LYS B 190 -23.37 -15.89 12.35
N LEU B 191 -22.35 -15.35 11.70
CA LEU B 191 -21.36 -14.55 12.37
C LEU B 191 -21.89 -13.19 12.65
N LEU B 192 -22.49 -12.58 11.64
CA LEU B 192 -22.98 -11.23 11.80
C LEU B 192 -23.99 -11.20 12.93
N ASP B 193 -24.63 -12.34 13.17
CA ASP B 193 -25.65 -12.46 14.21
C ASP B 193 -25.05 -12.32 15.57
N VAL B 194 -23.86 -12.86 15.74
CA VAL B 194 -23.20 -12.85 17.04
C VAL B 194 -22.19 -11.70 17.16
N ALA B 195 -21.89 -11.04 16.05
CA ALA B 195 -20.96 -9.92 16.12
C ALA B 195 -21.60 -8.73 16.81
N PRO B 196 -20.91 -8.18 17.82
CA PRO B 196 -21.38 -7.05 18.63
C PRO B 196 -21.00 -5.69 18.06
N GLY B 197 -20.15 -5.64 17.05
CA GLY B 197 -19.68 -4.36 16.57
C GLY B 197 -19.66 -4.30 15.07
N ILE B 198 -18.46 -4.22 14.51
CA ILE B 198 -18.26 -4.23 13.07
C ILE B 198 -17.74 -5.58 12.65
N ALA B 199 -18.08 -5.97 11.42
CA ALA B 199 -17.51 -7.13 10.79
C ALA B 199 -17.13 -6.72 9.38
N ILE B 200 -15.83 -6.84 9.08
CA ILE B 200 -15.32 -6.50 7.77
C ILE B 200 -15.04 -7.74 6.92
N VAL B 201 -15.70 -7.79 5.78
CA VAL B 201 -15.52 -8.90 4.85
C VAL B 201 -14.72 -8.43 3.64
N ASP B 202 -13.61 -9.12 3.40
CA ASP B 202 -12.69 -8.74 2.36
C ASP B 202 -13.03 -9.41 1.05
N GLU B 203 -13.76 -8.74 0.18
CA GLU B 203 -14.07 -9.36 -1.08
C GLU B 203 -13.05 -9.00 -2.15
N ALA B 204 -11.78 -9.12 -1.77
CA ALA B 204 -10.69 -8.80 -2.68
C ALA B 204 -10.91 -9.53 -3.99
N TYR B 205 -11.23 -10.82 -3.89
CA TYR B 205 -11.42 -11.68 -5.07
C TYR B 205 -12.89 -11.82 -5.46
N GLY B 206 -13.76 -11.00 -4.86
CA GLY B 206 -15.20 -11.18 -4.96
C GLY B 206 -15.72 -11.30 -6.37
N GLU B 207 -14.99 -10.71 -7.30
CA GLU B 207 -15.43 -10.60 -8.67
C GLU B 207 -15.28 -11.91 -9.42
N PHE B 208 -14.56 -12.86 -8.84
CA PHE B 208 -14.34 -14.11 -9.52
C PHE B 208 -15.16 -15.18 -8.87
N SER B 209 -15.85 -14.81 -7.80
CA SER B 209 -16.62 -15.81 -7.08
C SER B 209 -17.91 -16.03 -7.83
N SER B 210 -18.30 -17.30 -7.95
CA SER B 210 -19.58 -17.67 -8.56
C SER B 210 -20.53 -17.84 -7.42
N GLN B 211 -21.01 -16.73 -6.87
CA GLN B 211 -21.57 -16.80 -5.55
C GLN B 211 -22.00 -15.41 -5.11
N PRO B 212 -23.22 -15.31 -4.56
CA PRO B 212 -23.72 -14.04 -4.07
C PRO B 212 -22.68 -13.24 -3.25
N SER B 213 -22.49 -11.97 -3.62
CA SER B 213 -21.58 -11.09 -2.91
C SER B 213 -22.08 -10.70 -1.53
N ALA B 214 -21.15 -10.32 -0.68
CA ALA B 214 -21.48 -10.06 0.69
C ALA B 214 -22.27 -8.79 0.83
N VAL B 215 -22.13 -7.88 -0.14
CA VAL B 215 -22.90 -6.63 -0.11
C VAL B 215 -24.40 -6.90 -0.08
N SER B 216 -24.81 -8.09 -0.52
CA SER B 216 -26.22 -8.40 -0.48
C SER B 216 -26.78 -8.43 0.96
N LEU B 217 -25.91 -8.51 1.95
CA LEU B 217 -26.33 -8.60 3.35
C LEU B 217 -26.18 -7.29 4.08
N VAL B 218 -25.53 -6.33 3.44
CA VAL B 218 -25.43 -5.00 3.98
C VAL B 218 -26.80 -4.51 4.40
N GLU B 219 -27.74 -4.49 3.46
CA GLU B 219 -29.04 -3.93 3.81
C GLU B 219 -29.68 -4.65 4.99
N GLU B 220 -29.40 -5.94 5.13
CA GLU B 220 -29.92 -6.69 6.28
C GLU B 220 -29.13 -6.45 7.58
N TYR B 221 -27.84 -6.19 7.50
CA TYR B 221 -27.09 -5.92 8.73
C TYR B 221 -26.34 -4.59 8.68
N PRO B 222 -27.05 -3.51 8.43
CA PRO B 222 -26.37 -2.28 8.09
C PRO B 222 -25.57 -1.65 9.26
N SER B 223 -25.89 -1.98 10.49
CA SER B 223 -25.09 -1.40 11.56
C SER B 223 -23.86 -2.26 11.94
N LYS B 224 -23.49 -3.21 11.08
CA LYS B 224 -22.47 -4.21 11.43
C LYS B 224 -21.52 -4.49 10.29
N LEU B 225 -22.08 -4.90 9.14
CA LEU B 225 -21.30 -5.34 7.99
C LEU B 225 -20.70 -4.20 7.20
N VAL B 226 -19.41 -4.35 6.89
CA VAL B 226 -18.72 -3.51 5.92
C VAL B 226 -17.96 -4.44 4.98
N VAL B 227 -18.07 -4.19 3.67
CA VAL B 227 -17.43 -5.04 2.68
C VAL B 227 -16.28 -4.32 1.98
N THR B 228 -15.07 -4.86 2.13
CA THR B 228 -13.89 -4.31 1.46
C THR B 228 -13.80 -4.86 0.07
N ARG B 229 -13.03 -4.19 -0.77
CA ARG B 229 -12.93 -4.61 -2.16
C ARG B 229 -11.86 -3.80 -2.85
N THR B 230 -11.48 -4.24 -4.06
CA THR B 230 -10.31 -3.72 -4.70
C THR B 230 -10.35 -3.84 -6.22
N MET B 231 -9.75 -2.87 -6.88
CA MET B 231 -9.70 -2.82 -8.31
C MET B 231 -8.47 -3.51 -8.90
N SER B 232 -7.46 -3.73 -8.07
CA SER B 232 -6.20 -4.38 -8.48
C SER B 232 -6.36 -5.74 -9.19
N LYS B 233 -7.34 -6.54 -8.78
CA LYS B 233 -7.57 -7.89 -9.33
C LYS B 233 -8.23 -7.87 -10.71
N ALA B 234 -9.42 -7.27 -10.79
CA ALA B 234 -10.17 -7.26 -12.06
C ALA B 234 -9.68 -6.23 -13.06
N PHE B 235 -9.14 -5.11 -12.57
CA PHE B 235 -8.74 -4.01 -13.45
C PHE B 235 -7.24 -3.85 -13.54
N ALA B 236 -6.60 -4.80 -14.20
CA ALA B 236 -5.16 -4.76 -14.40
C ALA B 236 -4.75 -3.32 -14.72
N PHE B 237 -5.20 -2.88 -15.88
CA PHE B 237 -4.82 -1.58 -16.40
C PHE B 237 -5.69 -0.45 -15.86
N ALA B 238 -5.06 0.54 -15.22
CA ALA B 238 -5.75 1.79 -14.86
C ALA B 238 -6.46 1.76 -13.51
N GLY B 239 -6.70 0.56 -12.99
CA GLY B 239 -7.33 0.38 -11.69
C GLY B 239 -6.54 1.01 -10.54
N GLY B 240 -5.32 1.46 -10.82
CA GLY B 240 -4.43 2.00 -9.80
C GLY B 240 -4.40 1.24 -8.47
N ARG B 241 -4.59 -0.07 -8.50
CA ARG B 241 -4.56 -0.87 -7.27
C ARG B 241 -5.37 -0.22 -6.14
N LEU B 242 -6.47 0.44 -6.52
CA LEU B 242 -7.39 1.13 -5.59
C LEU B 242 -8.14 0.24 -4.63
N GLY B 243 -8.60 0.85 -3.54
CA GLY B 243 -9.37 0.14 -2.52
C GLY B 243 -10.67 0.87 -2.27
N TYR B 244 -11.76 0.15 -2.03
CA TYR B 244 -13.05 0.76 -1.72
C TYR B 244 -13.83 -0.06 -0.71
N LEU B 245 -14.85 0.56 -0.13
CA LEU B 245 -15.72 -0.21 0.73
C LEU B 245 -17.14 -0.01 0.31
N ILE B 246 -18.00 -0.97 0.67
CA ILE B 246 -19.43 -0.83 0.52
C ILE B 246 -20.08 -0.98 1.89
N ALA B 247 -20.98 -0.06 2.26
CA ALA B 247 -21.67 -0.10 3.56
C ALA B 247 -22.85 0.88 3.62
N THR B 248 -23.50 0.93 4.78
CA THR B 248 -24.61 1.86 4.98
C THR B 248 -24.12 3.27 4.82
N PRO B 249 -24.95 4.14 4.25
CA PRO B 249 -24.52 5.52 4.05
C PRO B 249 -23.86 6.11 5.31
N ALA B 250 -24.32 5.70 6.49
CA ALA B 250 -23.77 6.21 7.74
C ALA B 250 -22.28 5.88 7.92
N VAL B 251 -21.90 4.66 7.59
CA VAL B 251 -20.49 4.27 7.66
C VAL B 251 -19.65 5.16 6.76
N ILE B 252 -20.05 5.30 5.50
CA ILE B 252 -19.38 6.23 4.62
C ILE B 252 -19.16 7.53 5.36
N ASP B 253 -20.19 8.03 6.03
CA ASP B 253 -20.10 9.28 6.79
C ASP B 253 -19.00 9.20 7.83
N ALA B 254 -18.99 8.11 8.59
CA ALA B 254 -17.92 7.90 9.55
C ALA B 254 -16.55 8.08 8.90
N MET B 255 -16.40 7.63 7.66
CA MET B 255 -15.11 7.72 6.99
C MET B 255 -14.72 9.16 6.81
N LEU B 256 -15.65 9.94 6.26
CA LEU B 256 -15.43 11.34 5.95
C LEU B 256 -14.91 12.11 7.14
N LEU B 257 -15.21 11.65 8.35
CA LEU B 257 -14.69 12.34 9.50
C LEU B 257 -13.36 11.80 10.06
N VAL B 258 -12.84 10.72 9.49
CA VAL B 258 -11.48 10.31 9.84
C VAL B 258 -10.57 10.35 8.62
N ARG B 259 -10.86 11.29 7.73
CA ARG B 259 -10.16 11.39 6.46
C ARG B 259 -8.65 11.51 6.62
N LEU B 260 -7.94 10.62 5.94
CA LEU B 260 -6.49 10.54 5.98
C LEU B 260 -5.73 11.83 5.60
N PRO B 261 -4.39 11.84 5.78
CA PRO B 261 -3.58 13.00 5.44
C PRO B 261 -3.32 13.07 3.94
N TYR B 262 -3.64 11.99 3.23
CA TYR B 262 -3.59 11.97 1.77
C TYR B 262 -4.92 11.53 1.19
N HIS B 263 -5.13 11.88 -0.06
CA HIS B 263 -6.36 11.58 -0.78
C HIS B 263 -5.93 11.01 -2.14
N LEU B 264 -6.85 11.00 -3.11
CA LEU B 264 -6.52 10.39 -4.40
C LEU B 264 -6.15 11.36 -5.49
N SER B 265 -4.94 11.17 -6.02
CA SER B 265 -4.45 11.96 -7.13
C SER B 265 -5.52 12.31 -8.17
N SER B 266 -5.43 13.52 -8.70
CA SER B 266 -6.40 13.96 -9.66
C SER B 266 -6.32 13.07 -10.89
N VAL B 267 -5.10 12.77 -11.32
CA VAL B 267 -4.90 11.85 -12.44
C VAL B 267 -5.31 10.45 -12.00
N THR B 268 -4.90 10.07 -10.79
CA THR B 268 -5.19 8.72 -10.31
C THR B 268 -6.67 8.47 -10.50
N GLN B 269 -7.49 9.41 -10.03
CA GLN B 269 -8.96 9.26 -10.07
C GLN B 269 -9.50 9.08 -11.47
N ALA B 270 -8.90 9.80 -12.43
CA ALA B 270 -9.41 9.84 -13.79
C ALA B 270 -9.15 8.51 -14.41
N ALA B 271 -7.91 8.04 -14.24
CA ALA B 271 -7.49 6.71 -14.70
C ALA B 271 -8.46 5.63 -14.27
N ALA B 272 -8.73 5.59 -12.96
CA ALA B 272 -9.68 4.64 -12.42
C ALA B 272 -11.08 4.77 -13.03
N ARG B 273 -11.53 5.99 -13.29
CA ARG B 273 -12.88 6.19 -13.82
C ARG B 273 -12.98 5.62 -15.23
N ALA B 274 -11.93 5.87 -16.01
CA ALA B 274 -11.84 5.43 -17.39
C ALA B 274 -11.91 3.94 -17.37
N ALA B 275 -11.27 3.34 -16.38
CA ALA B 275 -11.22 1.90 -16.31
C ALA B 275 -12.62 1.33 -16.09
N LEU B 276 -13.36 1.97 -15.19
CA LEU B 276 -14.73 1.57 -14.91
C LEU B 276 -15.59 1.78 -16.14
N ARG B 277 -15.31 2.84 -16.90
CA ARG B 277 -16.16 3.14 -18.05
C ARG B 277 -16.21 2.00 -19.05
N HIS B 278 -15.25 1.10 -18.99
CA HIS B 278 -15.20 -0.07 -19.88
C HIS B 278 -15.31 -1.34 -19.08
N SER B 279 -16.14 -1.33 -18.05
CA SER B 279 -16.24 -2.49 -17.19
C SER B 279 -17.01 -3.64 -17.87
N ASP B 280 -17.69 -3.33 -18.97
CA ASP B 280 -18.40 -4.36 -19.69
C ASP B 280 -17.47 -5.46 -20.09
N ASP B 281 -16.31 -5.10 -20.63
CA ASP B 281 -15.33 -6.07 -21.08
C ASP B 281 -14.69 -6.76 -19.89
N THR B 282 -14.19 -5.95 -18.98
CA THR B 282 -13.49 -6.45 -17.83
C THR B 282 -14.52 -7.04 -16.85
N LEU B 283 -15.58 -7.61 -17.39
CA LEU B 283 -16.54 -8.41 -16.63
C LEU B 283 -16.82 -9.63 -17.45
N SER B 284 -17.05 -9.40 -18.74
CA SER B 284 -17.29 -10.48 -19.66
C SER B 284 -16.00 -11.28 -19.87
N SER B 285 -14.85 -10.65 -19.62
CA SER B 285 -13.57 -11.37 -19.66
C SER B 285 -13.29 -12.05 -18.30
N VAL B 286 -13.87 -11.51 -17.25
CA VAL B 286 -13.83 -12.17 -15.97
C VAL B 286 -14.76 -13.36 -16.03
N ALA B 287 -15.86 -13.21 -16.76
CA ALA B 287 -16.74 -14.33 -17.00
C ALA B 287 -15.96 -15.39 -17.76
N ALA B 288 -15.11 -14.93 -18.67
CA ALA B 288 -14.26 -15.83 -19.43
C ALA B 288 -13.35 -16.65 -18.49
N LEU B 289 -12.71 -15.95 -17.55
CA LEU B 289 -11.84 -16.55 -16.58
C LEU B 289 -12.52 -17.61 -15.77
N ILE B 290 -13.61 -17.28 -15.09
CA ILE B 290 -14.25 -18.27 -14.20
C ILE B 290 -14.43 -19.62 -14.92
N ALA B 291 -14.98 -19.54 -16.14
CA ALA B 291 -15.29 -20.69 -16.97
C ALA B 291 -14.03 -21.51 -17.21
N GLU B 292 -12.97 -20.81 -17.58
CA GLU B 292 -11.68 -21.42 -17.75
C GLU B 292 -11.20 -22.00 -16.45
N ARG B 293 -11.37 -21.28 -15.35
CA ARG B 293 -10.88 -21.75 -14.06
C ARG B 293 -11.54 -23.08 -13.80
N GLU B 294 -12.85 -23.11 -14.01
CA GLU B 294 -13.64 -24.34 -13.86
C GLU B 294 -13.18 -25.44 -14.81
N ARG B 295 -12.68 -25.04 -15.97
CA ARG B 295 -12.22 -26.00 -16.95
C ARG B 295 -10.95 -26.67 -16.46
N VAL B 296 -9.97 -25.84 -16.13
CA VAL B 296 -8.72 -26.29 -15.56
C VAL B 296 -9.03 -27.23 -14.40
N THR B 297 -10.01 -26.82 -13.60
CA THR B 297 -10.42 -27.58 -12.45
C THR B 297 -10.78 -29.00 -12.80
N THR B 298 -11.84 -29.17 -13.60
CA THR B 298 -12.30 -30.53 -13.91
C THR B 298 -11.19 -31.26 -14.67
N SER B 299 -10.56 -30.52 -15.57
CA SER B 299 -9.51 -31.08 -16.38
C SER B 299 -8.40 -31.73 -15.53
N LEU B 300 -7.96 -31.02 -14.49
CA LEU B 300 -6.94 -31.49 -13.58
C LEU B 300 -7.36 -32.70 -12.77
N ASN B 301 -8.61 -32.75 -12.33
CA ASN B 301 -9.05 -33.92 -11.59
C ASN B 301 -9.03 -35.12 -12.48
N ASP B 302 -9.62 -34.97 -13.66
CA ASP B 302 -9.69 -36.04 -14.62
C ASP B 302 -8.30 -36.59 -14.83
N MET B 303 -7.29 -35.72 -14.74
CA MET B 303 -5.91 -36.18 -14.81
C MET B 303 -5.38 -36.80 -13.52
N GLY B 304 -6.21 -36.85 -12.49
CA GLY B 304 -5.79 -37.49 -11.24
C GLY B 304 -5.27 -36.58 -10.16
N PHE B 305 -5.31 -35.26 -10.40
CA PHE B 305 -4.90 -34.29 -9.39
C PHE B 305 -6.04 -34.03 -8.40
N ARG B 306 -5.67 -33.64 -7.19
CA ARG B 306 -6.66 -33.22 -6.21
C ARG B 306 -6.70 -31.69 -6.24
N VAL B 307 -7.84 -31.15 -6.63
CA VAL B 307 -7.95 -29.71 -6.83
C VAL B 307 -8.92 -29.09 -5.84
N ILE B 308 -8.44 -28.06 -5.13
CA ILE B 308 -9.27 -27.39 -4.13
C ILE B 308 -10.12 -26.38 -4.83
N PRO B 309 -11.44 -26.63 -4.84
CA PRO B 309 -12.42 -25.94 -5.69
C PRO B 309 -12.51 -24.47 -5.31
N SER B 310 -12.09 -23.59 -6.20
CA SER B 310 -11.84 -22.22 -5.82
C SER B 310 -12.82 -21.22 -6.39
N ASP B 311 -12.95 -20.07 -5.72
CA ASP B 311 -13.82 -18.97 -6.14
C ASP B 311 -12.99 -17.74 -6.48
N ALA B 312 -11.75 -17.96 -6.88
CA ALA B 312 -10.84 -16.84 -7.09
C ALA B 312 -10.21 -16.77 -8.49
N ASN B 313 -9.15 -15.99 -8.62
CA ASN B 313 -8.49 -15.85 -9.90
C ASN B 313 -7.41 -16.92 -10.04
N PHE B 314 -7.53 -18.00 -9.27
CA PHE B 314 -6.45 -18.97 -9.16
C PHE B 314 -6.97 -20.30 -8.66
N VAL B 315 -6.15 -21.34 -8.71
CA VAL B 315 -6.55 -22.64 -8.15
C VAL B 315 -5.44 -23.34 -7.32
N LEU B 316 -5.81 -23.93 -6.20
CA LEU B 316 -4.80 -24.61 -5.40
C LEU B 316 -4.90 -26.10 -5.68
N PHE B 317 -3.78 -26.72 -6.02
CA PHE B 317 -3.91 -28.06 -6.49
C PHE B 317 -2.74 -28.93 -6.12
N GLY B 318 -2.97 -30.23 -6.25
CA GLY B 318 -1.91 -31.16 -6.40
C GLY B 318 -2.08 -32.46 -5.69
N GLU B 319 -1.44 -32.52 -4.53
CA GLU B 319 -1.12 -33.73 -3.77
C GLU B 319 0.18 -34.24 -4.38
N PHE B 320 1.15 -33.32 -4.54
CA PHE B 320 2.53 -33.67 -4.91
C PHE B 320 3.33 -34.01 -3.65
N ALA B 321 4.07 -35.12 -3.68
CA ALA B 321 4.91 -35.46 -2.54
C ALA B 321 5.90 -34.34 -2.29
N ASP B 322 6.62 -33.96 -3.34
CA ASP B 322 7.67 -32.95 -3.25
C ASP B 322 7.21 -31.80 -4.12
N ALA B 323 6.43 -30.90 -3.52
CA ALA B 323 5.81 -29.78 -4.23
C ALA B 323 6.86 -28.82 -4.78
N PRO B 324 7.89 -28.54 -3.98
CA PRO B 324 8.85 -27.61 -4.52
C PRO B 324 9.52 -28.16 -5.76
N ALA B 325 9.62 -29.48 -5.86
CA ALA B 325 10.27 -30.11 -7.01
C ALA B 325 9.31 -30.02 -8.20
N ALA B 326 8.03 -30.25 -7.91
CA ALA B 326 7.01 -30.10 -8.91
C ALA B 326 7.10 -28.69 -9.46
N TRP B 327 7.35 -27.73 -8.58
CA TRP B 327 7.42 -26.37 -9.02
C TRP B 327 8.55 -26.19 -10.00
N ARG B 328 9.70 -26.81 -9.69
CA ARG B 328 10.86 -26.74 -10.54
C ARG B 328 10.45 -27.39 -11.86
N ARG B 329 9.69 -28.46 -11.79
CA ARG B 329 9.33 -29.19 -12.99
C ARG B 329 8.51 -28.31 -13.93
N TYR B 330 7.45 -27.71 -13.39
CA TYR B 330 6.64 -26.73 -14.13
C TYR B 330 7.48 -25.63 -14.75
N LEU B 331 8.46 -25.18 -13.98
CA LEU B 331 9.32 -24.14 -14.45
C LEU B 331 10.11 -24.67 -15.63
N GLU B 332 10.64 -25.90 -15.49
CA GLU B 332 11.54 -26.42 -16.51
C GLU B 332 10.77 -26.71 -17.75
N ALA B 333 9.45 -26.72 -17.63
CA ALA B 333 8.59 -27.00 -18.77
C ALA B 333 8.00 -25.75 -19.42
N GLY B 334 8.30 -24.57 -18.86
CA GLY B 334 7.85 -23.30 -19.45
C GLY B 334 6.72 -22.64 -18.70
N ILE B 335 6.24 -23.31 -17.65
CA ILE B 335 5.13 -22.80 -16.88
C ILE B 335 5.60 -22.22 -15.56
N LEU B 336 5.20 -20.99 -15.27
CA LEU B 336 5.52 -20.38 -14.00
C LEU B 336 4.31 -20.31 -13.11
N ILE B 337 4.25 -21.22 -12.15
CA ILE B 337 3.21 -21.12 -11.17
C ILE B 337 3.81 -20.75 -9.81
N ARG B 338 3.06 -20.92 -8.74
CA ARG B 338 3.52 -20.42 -7.47
C ARG B 338 3.63 -21.50 -6.40
N ASP B 339 4.83 -21.66 -5.85
CA ASP B 339 5.00 -22.49 -4.64
C ASP B 339 4.66 -21.60 -3.47
N VAL B 340 3.62 -21.97 -2.74
CA VAL B 340 3.10 -21.08 -1.75
C VAL B 340 3.42 -21.63 -0.37
N GLY B 341 4.39 -22.54 -0.34
CA GLY B 341 4.90 -23.09 0.93
C GLY B 341 3.97 -24.02 1.67
N ILE B 342 3.12 -24.71 0.93
CA ILE B 342 2.21 -25.68 1.52
C ILE B 342 2.64 -27.04 1.01
N PRO B 343 3.04 -27.92 1.93
CA PRO B 343 3.29 -29.31 1.67
C PRO B 343 2.26 -29.92 0.72
N GLY B 344 2.70 -30.25 -0.49
CA GLY B 344 1.90 -31.03 -1.41
C GLY B 344 1.05 -30.25 -2.39
N TYR B 345 1.09 -28.93 -2.31
CA TYR B 345 0.24 -28.12 -3.16
C TYR B 345 0.94 -26.98 -3.82
N LEU B 346 0.48 -26.67 -5.01
CA LEU B 346 0.98 -25.51 -5.71
C LEU B 346 -0.25 -24.69 -6.05
N ARG B 347 -0.01 -23.44 -6.42
CA ARG B 347 -1.05 -22.45 -6.72
C ARG B 347 -0.85 -21.89 -8.13
N ALA B 348 -1.80 -22.21 -8.99
CA ALA B 348 -1.74 -21.81 -10.37
C ALA B 348 -2.84 -20.82 -10.73
N THR B 349 -2.44 -19.58 -11.04
CA THR B 349 -3.37 -18.53 -11.46
C THR B 349 -4.08 -18.92 -12.76
N THR B 350 -5.37 -18.63 -12.86
CA THR B 350 -6.06 -18.85 -14.12
C THR B 350 -5.69 -17.75 -15.13
N GLY B 351 -5.60 -18.13 -16.40
CA GLY B 351 -5.12 -17.21 -17.44
C GLY B 351 -5.87 -17.33 -18.76
N LEU B 352 -5.20 -16.95 -19.84
CA LEU B 352 -5.74 -17.08 -21.20
C LEU B 352 -5.80 -18.54 -21.57
N ALA B 353 -6.81 -18.91 -22.36
CA ALA B 353 -7.04 -20.28 -22.71
C ALA B 353 -5.75 -20.88 -23.25
N GLU B 354 -5.14 -20.22 -24.22
CA GLU B 354 -3.87 -20.72 -24.76
C GLU B 354 -2.84 -20.98 -23.67
N GLU B 355 -2.91 -20.24 -22.57
CA GLU B 355 -1.96 -20.42 -21.46
C GLU B 355 -2.39 -21.58 -20.60
N ASN B 356 -3.65 -21.57 -20.22
CA ASN B 356 -4.15 -22.64 -19.40
C ASN B 356 -3.88 -24.00 -20.05
N ASP B 357 -4.09 -24.07 -21.35
CA ASP B 357 -3.89 -25.31 -22.06
C ASP B 357 -2.48 -25.78 -21.82
N ALA B 358 -1.53 -24.90 -22.08
CA ALA B 358 -0.12 -25.15 -21.82
C ALA B 358 0.11 -25.63 -20.40
N PHE B 359 -0.54 -24.98 -19.44
CA PHE B 359 -0.38 -25.36 -18.05
C PHE B 359 -0.83 -26.80 -17.88
N LEU B 360 -2.06 -27.10 -18.34
CA LEU B 360 -2.60 -28.45 -18.30
C LEU B 360 -1.68 -29.50 -18.94
N ARG B 361 -1.04 -29.11 -20.04
CA ARG B 361 -0.24 -30.04 -20.80
C ARG B 361 0.94 -30.39 -19.94
N ALA B 362 1.59 -29.37 -19.43
CA ALA B 362 2.70 -29.53 -18.56
C ALA B 362 2.31 -30.37 -17.34
N SER B 363 1.08 -30.19 -16.89
CA SER B 363 0.61 -30.93 -15.74
C SER B 363 0.69 -32.42 -16.04
N ALA B 364 0.31 -32.80 -17.27
CA ALA B 364 0.29 -34.20 -17.67
C ALA B 364 1.69 -34.75 -17.83
N ARG B 365 2.51 -34.10 -18.63
CA ARG B 365 3.91 -34.50 -18.69
C ARG B 365 4.37 -34.86 -17.28
N ILE B 366 4.12 -33.97 -16.32
CA ILE B 366 4.72 -34.09 -15.01
C ILE B 366 4.09 -35.22 -14.23
N ALA B 367 2.78 -35.23 -14.16
CA ALA B 367 2.07 -36.34 -13.56
C ALA B 367 2.62 -37.70 -14.03
N THR B 368 2.79 -37.85 -15.35
CA THR B 368 3.23 -39.08 -15.99
C THR B 368 4.62 -39.50 -15.54
N ASP B 369 5.46 -38.51 -15.29
CA ASP B 369 6.86 -38.74 -15.00
C ASP B 369 7.09 -39.06 -13.52
N LEU B 370 6.04 -39.41 -12.81
CA LEU B 370 6.13 -39.69 -11.37
C LEU B 370 5.45 -41.03 -11.06
N VAL B 371 5.89 -41.69 -9.99
CA VAL B 371 5.58 -43.12 -9.80
C VAL B 371 4.14 -43.41 -9.29
#